data_4ZLG
#
_entry.id   4ZLG
#
_cell.length_a   106.993
_cell.length_b   106.993
_cell.length_c   186.544
_cell.angle_alpha   90.00
_cell.angle_beta   90.00
_cell.angle_gamma   120.00
#
_symmetry.space_group_name_H-M   'P 31 2 1'
#
loop_
_entity.id
_entity.type
_entity.pdbx_description
1 polymer 'Putative b-glycan phosphorylase'
2 non-polymer 'D-gluconic acid'
3 non-polymer GLYCEROL
4 non-polymer D-glucono-1,5-lactone
5 non-polymer 'SULFATE ION'
6 non-polymer 'CHLORIDE ION'
7 water water
#
_entity_poly.entity_id   1
_entity_poly.type   'polypeptide(L)'
_entity_poly.pdbx_seq_one_letter_code
;GLKAINNGERYQLTSPTAMPQSASFLWNKKMMIQVNCRGYAVAQFMQPEPAKYAYAPNLEAKTFMQPEQPYYAHHPGRFF
YIKDEETGEIFSAPYEPVRSQLNNFSFNAGKSDISWHIAALGIEVELCLSLPVDDVVELWELKIKNGGAQPRKLSIYPYF
PVGYMSWMNQSGDYSQTAGGIIASCVTPYQKVADYFKNKDFKDKTFFLHETAPAAWEVNQKNFEGEGGLHNPNAIQQETL
GCGNALYETPTAVLQYRRELAAQEQQTFRFIFGPAFDESEAIALRNKYLSAEGFAKAKSEYQTYITSGKGCLQINTPDPE
LNNFVNHWLPRQVFYHGDVNRLTTDPQTRNYIQDNMGMSYIKPNITRQAFLHALSQQEESGAMPDGILLLEGAELKYINQ
IPHTDHCVWLPVCMQAYLDETNDYALLDEIVPYASGEKRETVEQHMHHAMRWLLQARDERGLSFIAQGDWCDPMNMVGYK
GKGVSGWLSVATAYALNLWADVCEQRQQNSCANEFRQGAKDINAAVNKHIWDGEWFGRGITDDGVLFGTSKDKEGRIFLN
PQSWAILGGAADEQKIPCLLDAVEQQLETPYGVMMLAPAFTAMRDDVGRVTQKFPGSAENGSVYNHAAVFYIFSLLSIGE
SERAYKLLRQMLPGPDEADLLQRGQLPVFIPNYYRGAYYQHPRTAGRSSQLFNTGTVSWVYRCLIEGVFGLKGSPQGLVV
QPQLPVAWQTAEAVREFRGATFNVSYRKSSDIKEMEIQLNESVISGNTISDITAGATYQLTVLLPATHLEHHHHHH
;
_entity_poly.pdbx_strand_id   A
#
loop_
_chem_comp.id
_chem_comp.type
_chem_comp.name
_chem_comp.formula
CL non-polymer 'CHLORIDE ION' 'Cl -1'
GCO D-saccharide 'D-gluconic acid' 'C6 H12 O7'
GOL non-polymer GLYCEROL 'C3 H8 O3'
LGC D-saccharide D-glucono-1,5-lactone 'C6 H10 O6'
SO4 non-polymer 'SULFATE ION' 'O4 S -2'
#
# COMPACT_ATOMS: atom_id res chain seq x y z
N GLY A 1 -12.77 -9.51 19.97
CA GLY A 1 -11.28 -9.71 20.20
C GLY A 1 -10.51 -9.45 18.89
N LEU A 2 -9.24 -9.13 19.04
CA LEU A 2 -8.40 -8.82 17.87
C LEU A 2 -6.97 -9.08 18.24
N LYS A 3 -6.36 -10.12 17.64
CA LYS A 3 -5.02 -10.48 17.99
C LYS A 3 -4.33 -11.32 16.97
N ALA A 4 -2.97 -11.27 17.00
CA ALA A 4 -2.11 -12.16 16.18
C ALA A 4 -2.31 -13.65 16.59
N ILE A 5 -2.39 -14.51 15.60
CA ILE A 5 -2.42 -15.96 15.76
C ILE A 5 -1.42 -16.68 14.91
N ASN A 6 -1.29 -18.01 15.17
CA ASN A 6 -0.47 -18.86 14.30
C ASN A 6 1.00 -18.41 14.17
N ASN A 7 1.60 -18.06 15.30
CA ASN A 7 2.98 -17.58 15.32
C ASN A 7 3.28 -16.39 14.40
N GLY A 8 2.29 -15.53 14.26
CA GLY A 8 2.34 -14.29 13.47
C GLY A 8 1.94 -14.40 12.01
N GLU A 9 1.56 -15.59 11.56
CA GLU A 9 1.21 -15.77 10.14
C GLU A 9 -0.12 -15.08 9.85
N ARG A 10 -0.98 -14.98 10.85
CA ARG A 10 -2.34 -14.37 10.67
C ARG A 10 -2.70 -13.45 11.81
N TYR A 11 -3.78 -12.67 11.59
CA TYR A 11 -4.28 -11.66 12.55
C TYR A 11 -5.76 -11.81 12.55
N GLN A 12 -6.32 -12.08 13.71
CA GLN A 12 -7.70 -12.51 13.84
C GLN A 12 -8.62 -11.52 14.58
N LEU A 13 -9.76 -11.22 13.94
CA LEU A 13 -10.81 -10.39 14.46
C LEU A 13 -12.01 -11.31 14.80
N THR A 14 -12.63 -11.17 15.98
CA THR A 14 -13.67 -12.11 16.43
C THR A 14 -15.05 -11.53 16.55
N SER A 15 -15.21 -10.34 16.05
CA SER A 15 -16.52 -9.71 15.95
C SER A 15 -16.74 -9.21 14.50
N PRO A 16 -17.91 -9.50 13.96
CA PRO A 16 -18.25 -8.98 12.65
C PRO A 16 -18.91 -7.59 12.68
N THR A 17 -19.18 -7.05 13.85
CA THR A 17 -19.82 -5.74 13.96
C THR A 17 -19.01 -4.66 14.62
N ALA A 18 -17.98 -4.97 15.40
CA ALA A 18 -17.22 -3.94 16.10
C ALA A 18 -16.38 -3.06 15.21
N MET A 19 -15.91 -3.62 14.06
CA MET A 19 -14.96 -2.93 13.14
C MET A 19 -15.43 -3.28 11.71
N PRO A 20 -16.61 -2.74 11.33
CA PRO A 20 -17.30 -3.32 10.16
C PRO A 20 -16.62 -2.92 8.87
N GLN A 21 -15.74 -1.91 8.90
CA GLN A 21 -15.03 -1.55 7.68
C GLN A 21 -13.68 -2.29 7.51
N SER A 22 -13.26 -3.05 8.52
CA SER A 22 -11.95 -3.60 8.53
C SER A 22 -11.82 -4.65 7.40
N ALA A 23 -10.61 -4.77 6.93
CA ALA A 23 -10.32 -5.53 5.71
C ALA A 23 -8.89 -5.96 5.67
N SER A 24 -8.58 -6.94 4.81
CA SER A 24 -7.21 -7.20 4.51
C SER A 24 -7.11 -7.36 2.99
N PHE A 25 -5.92 -7.60 2.51
CA PHE A 25 -5.67 -7.66 1.04
C PHE A 25 -4.82 -8.83 0.72
N LEU A 26 -4.96 -9.28 -0.51
CA LEU A 26 -4.02 -10.22 -1.15
C LEU A 26 -3.67 -9.70 -2.54
N TRP A 27 -2.52 -10.09 -3.04
CA TRP A 27 -2.13 -9.78 -4.41
C TRP A 27 -1.36 -10.90 -5.02
N ASN A 28 -1.16 -10.80 -6.32
CA ASN A 28 -0.19 -11.59 -7.02
C ASN A 28 0.33 -10.81 -8.17
N LYS A 29 1.07 -11.42 -9.08
CA LYS A 29 1.71 -10.73 -10.15
C LYS A 29 0.75 -9.94 -11.05
N LYS A 30 -0.53 -10.28 -11.06
CA LYS A 30 -1.46 -9.70 -11.98
C LYS A 30 -2.76 -9.24 -11.39
N MET A 31 -2.96 -9.28 -10.07
CA MET A 31 -4.23 -8.91 -9.52
C MET A 31 -4.05 -8.55 -8.04
N MET A 32 -5.08 -7.91 -7.52
CA MET A 32 -5.22 -7.67 -6.06
C MET A 32 -6.69 -7.72 -5.68
N ILE A 33 -6.93 -8.11 -4.45
CA ILE A 33 -8.22 -8.21 -3.88
C ILE A 33 -8.20 -7.69 -2.43
N GLN A 34 -9.11 -6.76 -2.13
CA GLN A 34 -9.36 -6.27 -0.81
C GLN A 34 -10.60 -6.98 -0.31
N VAL A 35 -10.49 -7.62 0.86
CA VAL A 35 -11.58 -8.34 1.38
C VAL A 35 -12.01 -7.78 2.75
N ASN A 36 -13.27 -7.44 2.85
CA ASN A 36 -13.88 -6.88 4.04
C ASN A 36 -14.26 -8.00 5.01
N CYS A 37 -14.20 -7.75 6.35
CA CYS A 37 -14.50 -8.80 7.35
C CYS A 37 -15.82 -9.44 7.19
N ARG A 38 -16.78 -8.72 6.63
CA ARG A 38 -18.16 -9.25 6.48
C ARG A 38 -18.49 -9.98 5.19
N GLY A 39 -17.54 -10.02 4.29
CA GLY A 39 -17.69 -10.74 3.05
C GLY A 39 -17.65 -9.94 1.77
N TYR A 40 -17.74 -8.64 1.86
CA TYR A 40 -17.61 -7.79 0.67
C TYR A 40 -16.16 -7.83 0.18
N ALA A 41 -15.99 -7.70 -1.15
CA ALA A 41 -14.65 -7.65 -1.70
C ALA A 41 -14.55 -6.86 -2.93
N VAL A 42 -13.38 -6.29 -3.14
CA VAL A 42 -13.10 -5.58 -4.40
C VAL A 42 -11.87 -6.25 -5.01
N ALA A 43 -11.96 -6.66 -6.27
CA ALA A 43 -10.88 -7.38 -6.96
C ALA A 43 -10.59 -6.75 -8.28
N GLN A 44 -9.32 -6.46 -8.57
CA GLN A 44 -8.93 -5.95 -9.88
C GLN A 44 -7.83 -6.76 -10.46
N PHE A 45 -7.76 -6.89 -11.77
CA PHE A 45 -6.70 -7.62 -12.43
C PHE A 45 -6.22 -6.89 -13.64
N MET A 46 -5.05 -7.29 -14.06
CA MET A 46 -4.37 -6.61 -15.19
C MET A 46 -4.34 -7.47 -16.41
N GLN A 47 -4.76 -6.89 -17.52
CA GLN A 47 -4.79 -7.66 -18.79
C GLN A 47 -4.39 -6.99 -20.13
N PRO A 48 -3.48 -6.05 -20.20
CA PRO A 48 -2.55 -5.66 -19.16
C PRO A 48 -3.06 -4.44 -18.44
N GLU A 49 -4.19 -3.79 -18.86
CA GLU A 49 -4.74 -2.69 -18.11
C GLU A 49 -5.78 -3.24 -17.08
N PRO A 50 -6.14 -2.41 -16.07
CA PRO A 50 -7.07 -2.85 -15.08
C PRO A 50 -8.47 -3.20 -15.59
N ALA A 51 -9.02 -4.24 -14.99
CA ALA A 51 -10.32 -4.77 -15.28
C ALA A 51 -10.87 -5.54 -14.08
N LYS A 52 -12.13 -5.89 -14.15
CA LYS A 52 -12.72 -6.66 -13.05
C LYS A 52 -13.67 -7.74 -13.64
N TYR A 53 -13.96 -8.72 -12.75
CA TYR A 53 -14.83 -9.87 -13.12
C TYR A 53 -16.07 -9.99 -12.30
N ALA A 54 -16.12 -9.27 -11.19
CA ALA A 54 -17.27 -9.18 -10.36
C ALA A 54 -17.61 -7.69 -10.27
N TYR A 55 -18.82 -7.37 -10.66
CA TYR A 55 -19.29 -5.99 -10.91
C TYR A 55 -20.32 -5.57 -9.93
N ALA A 56 -20.45 -4.29 -9.81
CA ALA A 56 -21.56 -3.69 -9.04
C ALA A 56 -22.91 -4.02 -9.77
N PRO A 57 -24.02 -3.77 -9.13
CA PRO A 57 -25.34 -4.09 -9.76
C PRO A 57 -25.80 -2.96 -10.69
N ASN A 58 -25.00 -1.89 -10.79
CA ASN A 58 -25.28 -0.76 -11.69
C ASN A 58 -24.10 -0.56 -12.61
N LEU A 59 -24.14 0.52 -13.41
CA LEU A 59 -23.01 0.83 -14.26
C LEU A 59 -22.01 1.64 -13.49
N GLU A 60 -20.92 1.08 -13.06
CA GLU A 60 -19.98 1.77 -12.22
C GLU A 60 -18.93 2.50 -13.00
N ALA A 61 -18.39 3.56 -12.41
CA ALA A 61 -17.30 4.31 -13.03
C ALA A 61 -16.05 3.43 -12.99
N LYS A 62 -15.13 3.77 -13.86
CA LYS A 62 -13.88 3.09 -13.96
C LYS A 62 -13.05 3.47 -12.71
N THR A 63 -12.91 2.55 -11.76
CA THR A 63 -12.32 2.86 -10.45
C THR A 63 -12.03 1.53 -9.68
N PHE A 64 -11.01 1.51 -8.78
CA PHE A 64 -10.74 0.31 -7.90
C PHE A 64 -11.46 0.57 -6.60
N MET A 65 -10.84 1.40 -5.73
CA MET A 65 -11.42 1.76 -4.45
C MET A 65 -11.30 3.22 -4.11
N GLN A 66 -12.27 3.67 -3.31
CA GLN A 66 -12.18 5.04 -2.75
C GLN A 66 -11.57 4.97 -1.33
N PRO A 67 -10.93 6.08 -0.88
CA PRO A 67 -10.62 6.11 0.56
C PRO A 67 -11.91 5.99 1.29
N GLU A 68 -11.93 5.26 2.38
CA GLU A 68 -13.06 5.09 3.24
C GLU A 68 -14.27 4.46 2.51
N GLN A 69 -13.95 3.54 1.61
CA GLN A 69 -14.96 2.90 0.69
C GLN A 69 -16.20 2.50 1.43
N PRO A 70 -17.39 2.97 1.03
CA PRO A 70 -18.57 2.43 1.64
C PRO A 70 -19.03 1.15 0.95
N TYR A 71 -19.64 0.33 1.74
CA TYR A 71 -20.29 -0.88 1.21
C TYR A 71 -21.77 -0.68 1.22
N TYR A 72 -22.51 -1.63 0.63
CA TYR A 72 -23.95 -1.55 0.54
C TYR A 72 -24.37 -2.99 0.22
N ALA A 73 -25.67 -3.30 0.33
CA ALA A 73 -26.05 -4.73 0.42
C ALA A 73 -25.66 -5.55 -0.82
N HIS A 74 -25.80 -4.95 -2.02
CA HIS A 74 -25.43 -5.53 -3.31
C HIS A 74 -24.02 -5.30 -3.80
N HIS A 75 -23.13 -4.84 -2.91
CA HIS A 75 -21.75 -4.66 -3.26
C HIS A 75 -21.19 -6.09 -3.55
N PRO A 76 -20.30 -6.18 -4.51
CA PRO A 76 -19.63 -7.49 -4.75
C PRO A 76 -19.04 -8.14 -3.48
N GLY A 77 -19.10 -9.47 -3.41
CA GLY A 77 -18.59 -10.20 -2.24
C GLY A 77 -18.55 -11.70 -2.50
N ARG A 78 -18.37 -12.44 -1.43
CA ARG A 78 -17.98 -13.82 -1.51
C ARG A 78 -18.67 -14.52 -0.39
N PHE A 79 -19.79 -15.19 -0.75
CA PHE A 79 -20.72 -15.63 0.27
C PHE A 79 -21.14 -17.10 0.09
N PHE A 80 -21.60 -17.67 1.22
CA PHE A 80 -22.14 -19.05 1.28
C PHE A 80 -23.34 -19.10 2.21
N TYR A 81 -24.48 -19.54 1.71
CA TYR A 81 -25.67 -19.69 2.53
C TYR A 81 -25.74 -21.18 2.98
N ILE A 82 -26.15 -21.34 4.26
CA ILE A 82 -26.34 -22.65 4.82
C ILE A 82 -27.81 -22.68 5.25
N LYS A 83 -28.52 -23.75 4.84
CA LYS A 83 -29.95 -23.94 5.16
C LYS A 83 -30.18 -25.30 5.87
N ASP A 84 -30.80 -25.26 7.02
CA ASP A 84 -31.15 -26.53 7.76
C ASP A 84 -32.42 -26.99 7.04
N GLU A 85 -32.37 -28.10 6.36
CA GLU A 85 -33.56 -28.52 5.58
C GLU A 85 -34.72 -28.96 6.54
N GLU A 86 -34.43 -29.29 7.78
CA GLU A 86 -35.50 -29.70 8.75
C GLU A 86 -36.29 -28.52 9.20
N THR A 87 -35.65 -27.39 9.54
CA THR A 87 -36.34 -26.26 10.07
C THR A 87 -36.60 -25.12 9.11
N GLY A 88 -35.96 -25.09 7.94
CA GLY A 88 -35.99 -23.89 7.08
C GLY A 88 -35.06 -22.72 7.49
N GLU A 89 -34.37 -22.86 8.61
CA GLU A 89 -33.59 -21.74 9.12
C GLU A 89 -32.33 -21.56 8.23
N ILE A 90 -31.91 -20.30 8.02
CA ILE A 90 -30.72 -20.09 7.17
C ILE A 90 -29.73 -19.13 7.87
N PHE A 91 -28.48 -19.28 7.52
CA PHE A 91 -27.51 -18.25 7.83
C PHE A 91 -26.55 -18.11 6.65
N SER A 92 -25.70 -17.10 6.69
CA SER A 92 -24.67 -16.94 5.64
C SER A 92 -23.28 -16.67 6.24
N ALA A 93 -22.31 -17.24 5.61
CA ALA A 93 -20.96 -16.90 5.82
C ALA A 93 -20.46 -15.92 4.72
N PRO A 94 -19.59 -14.99 5.06
CA PRO A 94 -19.07 -14.84 6.41
C PRO A 94 -19.97 -14.23 7.44
N TYR A 95 -20.92 -13.40 7.01
CA TYR A 95 -21.78 -12.69 7.91
C TYR A 95 -22.87 -12.05 7.11
N GLU A 96 -22.52 -11.15 6.21
CA GLU A 96 -23.45 -10.76 5.12
C GLU A 96 -23.76 -11.99 4.28
N PRO A 97 -24.86 -12.01 3.51
CA PRO A 97 -25.86 -10.97 3.45
C PRO A 97 -26.95 -11.09 4.50
N VAL A 98 -27.01 -12.22 5.22
CA VAL A 98 -28.17 -12.40 6.13
C VAL A 98 -28.05 -11.70 7.49
N ARG A 99 -26.82 -11.62 7.99
CA ARG A 99 -26.47 -10.95 9.26
C ARG A 99 -27.18 -11.72 10.41
N SER A 100 -27.21 -13.06 10.34
CA SER A 100 -27.80 -13.86 11.41
C SER A 100 -26.92 -13.77 12.66
N GLN A 101 -27.54 -14.13 13.77
CA GLN A 101 -26.82 -14.29 15.03
C GLN A 101 -25.89 -15.49 14.87
N LEU A 102 -24.62 -15.35 15.18
CA LEU A 102 -23.66 -16.42 15.07
C LEU A 102 -23.27 -16.85 16.51
N ASN A 103 -22.89 -18.11 16.67
CA ASN A 103 -22.24 -18.62 17.86
C ASN A 103 -20.76 -18.43 17.83
N ASN A 104 -20.14 -18.36 16.64
CA ASN A 104 -18.73 -18.06 16.62
C ASN A 104 -18.41 -17.30 15.36
N PHE A 105 -17.43 -16.39 15.45
CA PHE A 105 -16.97 -15.64 14.24
C PHE A 105 -15.49 -15.33 14.36
N SER A 106 -14.70 -15.72 13.34
CA SER A 106 -13.36 -15.28 13.23
C SER A 106 -13.07 -14.90 11.75
N PHE A 107 -12.49 -13.73 11.58
CA PHE A 107 -11.90 -13.21 10.31
C PHE A 107 -10.37 -13.17 10.49
N ASN A 108 -9.68 -13.95 9.67
CA ASN A 108 -8.23 -14.14 9.75
C ASN A 108 -7.57 -13.52 8.55
N ALA A 109 -6.99 -12.36 8.75
CA ALA A 109 -6.06 -11.79 7.76
C ALA A 109 -4.79 -12.58 7.73
N GLY A 110 -4.33 -13.06 6.59
CA GLY A 110 -3.11 -13.81 6.52
C GLY A 110 -2.06 -13.20 5.64
N LYS A 111 -0.84 -13.63 5.83
CA LYS A 111 0.22 -13.20 4.97
C LYS A 111 0.02 -13.71 3.55
N SER A 112 -0.62 -14.90 3.45
CA SER A 112 -0.79 -15.61 2.21
C SER A 112 -2.19 -16.07 1.89
N ASP A 113 -3.14 -15.81 2.76
CA ASP A 113 -4.51 -16.18 2.59
C ASP A 113 -5.39 -15.39 3.46
N ILE A 114 -6.69 -15.46 3.20
CA ILE A 114 -7.70 -14.81 3.99
C ILE A 114 -8.72 -15.88 4.33
N SER A 115 -9.14 -15.97 5.58
CA SER A 115 -10.04 -17.07 6.00
C SER A 115 -11.02 -16.61 7.06
N TRP A 116 -12.08 -17.39 7.22
CA TRP A 116 -13.02 -17.19 8.26
C TRP A 116 -13.36 -18.57 8.90
N HIS A 117 -13.66 -18.53 10.20
CA HIS A 117 -14.39 -19.63 10.88
C HIS A 117 -15.66 -19.01 11.42
N ILE A 118 -16.81 -19.68 11.16
CA ILE A 118 -18.03 -19.24 11.76
C ILE A 118 -18.88 -20.47 12.18
N ALA A 119 -19.80 -20.25 13.13
CA ALA A 119 -20.71 -21.30 13.55
C ALA A 119 -22.10 -20.74 13.80
N ALA A 120 -23.12 -21.45 13.36
CA ALA A 120 -24.50 -21.14 13.64
C ALA A 120 -25.30 -22.42 13.49
N LEU A 121 -26.39 -22.58 14.26
CA LEU A 121 -27.27 -23.77 14.11
C LEU A 121 -26.56 -25.09 14.38
N GLY A 122 -25.45 -25.05 15.10
CA GLY A 122 -24.64 -26.22 15.37
C GLY A 122 -23.78 -26.65 14.21
N ILE A 123 -23.70 -25.87 13.10
CA ILE A 123 -22.89 -26.23 11.92
C ILE A 123 -21.66 -25.23 11.93
N GLU A 124 -20.49 -25.80 11.76
CA GLU A 124 -19.23 -25.13 11.81
C GLU A 124 -18.74 -24.96 10.37
N VAL A 125 -18.39 -23.73 10.01
CA VAL A 125 -18.01 -23.45 8.62
C VAL A 125 -16.60 -22.84 8.62
N GLU A 126 -15.78 -23.30 7.69
CA GLU A 126 -14.51 -22.70 7.42
C GLU A 126 -14.45 -22.26 5.97
N LEU A 127 -13.85 -21.09 5.74
CA LEU A 127 -13.75 -20.58 4.35
C LEU A 127 -12.34 -20.08 4.19
N CYS A 128 -11.67 -20.40 3.10
CA CYS A 128 -10.30 -20.01 2.92
C CYS A 128 -10.13 -19.57 1.45
N LEU A 129 -9.63 -18.34 1.25
CA LEU A 129 -9.25 -17.78 -0.01
C LEU A 129 -7.75 -17.66 -0.11
N SER A 130 -7.23 -18.08 -1.25
CA SER A 130 -5.85 -17.70 -1.61
C SER A 130 -5.72 -17.54 -3.09
N LEU A 131 -4.60 -16.98 -3.51
CA LEU A 131 -4.27 -16.74 -4.93
C LEU A 131 -3.02 -17.53 -5.27
N PRO A 132 -2.87 -17.94 -6.56
CA PRO A 132 -1.61 -18.40 -7.04
C PRO A 132 -0.68 -17.23 -7.30
N VAL A 133 0.55 -17.51 -7.63
CA VAL A 133 1.52 -16.41 -7.99
C VAL A 133 1.23 -15.71 -9.27
N ASP A 134 0.91 -16.49 -10.30
CA ASP A 134 1.06 -15.94 -11.63
C ASP A 134 -0.24 -15.91 -12.39
N ASP A 135 -1.29 -16.54 -11.94
CA ASP A 135 -2.50 -16.51 -12.77
C ASP A 135 -3.58 -15.74 -12.08
N VAL A 136 -4.54 -15.23 -12.86
CA VAL A 136 -5.65 -14.50 -12.27
C VAL A 136 -6.84 -15.44 -11.93
N VAL A 137 -6.94 -15.82 -10.70
CA VAL A 137 -7.95 -16.79 -10.25
C VAL A 137 -7.96 -16.80 -8.74
N GLU A 138 -9.16 -16.84 -8.14
CA GLU A 138 -9.34 -16.99 -6.73
C GLU A 138 -9.58 -18.43 -6.36
N LEU A 139 -8.78 -18.94 -5.41
CA LEU A 139 -8.90 -20.33 -4.95
C LEU A 139 -9.69 -20.36 -3.68
N TRP A 140 -10.89 -21.03 -3.70
CA TRP A 140 -11.74 -21.02 -2.57
C TRP A 140 -11.99 -22.46 -1.99
N GLU A 141 -11.87 -22.56 -0.66
CA GLU A 141 -11.98 -23.85 0.03
C GLU A 141 -13.02 -23.60 1.10
N LEU A 142 -14.08 -24.43 1.09
CA LEU A 142 -15.19 -24.36 2.01
C LEU A 142 -15.27 -25.70 2.80
N LYS A 143 -15.35 -25.63 4.14
CA LYS A 143 -15.54 -26.80 4.98
C LYS A 143 -16.76 -26.63 5.76
N ILE A 144 -17.61 -27.68 5.83
CA ILE A 144 -18.83 -27.62 6.53
C ILE A 144 -18.83 -28.88 7.46
N LYS A 145 -19.07 -28.67 8.74
CA LYS A 145 -19.03 -29.74 9.77
C LYS A 145 -20.26 -29.76 10.65
N ASN A 146 -20.87 -30.96 10.82
CA ASN A 146 -21.93 -31.09 11.78
C ASN A 146 -21.30 -31.22 13.16
N GLY A 147 -21.43 -30.19 14.00
CA GLY A 147 -20.76 -30.19 15.33
C GLY A 147 -21.61 -30.89 16.42
N GLY A 148 -22.80 -31.37 16.07
CA GLY A 148 -23.73 -31.95 17.10
C GLY A 148 -23.73 -33.48 17.04
N ALA A 149 -24.65 -34.08 17.81
CA ALA A 149 -24.68 -35.52 18.04
C ALA A 149 -25.61 -36.26 17.08
N GLN A 150 -26.59 -35.58 16.42
CA GLN A 150 -27.49 -36.24 15.49
C GLN A 150 -27.16 -35.88 14.03
N PRO A 151 -27.60 -36.69 13.09
CA PRO A 151 -27.44 -36.31 11.66
C PRO A 151 -28.23 -35.05 11.28
N ARG A 152 -27.74 -34.31 10.27
CA ARG A 152 -28.35 -33.06 9.92
C ARG A 152 -28.45 -33.01 8.41
N LYS A 153 -29.61 -32.57 7.94
CA LYS A 153 -29.81 -32.46 6.50
C LYS A 153 -29.66 -30.92 6.15
N LEU A 154 -28.73 -30.61 5.27
CA LEU A 154 -28.42 -29.20 4.92
C LEU A 154 -28.42 -28.99 3.42
N SER A 155 -28.81 -27.76 3.00
CA SER A 155 -28.50 -27.23 1.69
C SER A 155 -27.43 -26.15 1.90
N ILE A 156 -26.45 -26.21 1.00
CA ILE A 156 -25.27 -25.30 1.03
C ILE A 156 -25.20 -24.61 -0.30
N TYR A 157 -25.14 -23.27 -0.32
CA TYR A 157 -25.22 -22.50 -1.51
C TYR A 157 -24.11 -21.40 -1.60
N PRO A 158 -23.06 -21.67 -2.35
CA PRO A 158 -22.18 -20.54 -2.74
C PRO A 158 -23.04 -19.50 -3.43
N TYR A 159 -22.80 -18.21 -3.12
CA TYR A 159 -23.43 -17.04 -3.77
C TYR A 159 -22.29 -16.03 -4.08
N PHE A 160 -21.88 -16.07 -5.34
CA PHE A 160 -20.77 -15.17 -5.87
C PHE A 160 -21.45 -14.32 -6.92
N PRO A 161 -21.97 -13.14 -6.50
CA PRO A 161 -22.74 -12.34 -7.46
C PRO A 161 -21.81 -11.77 -8.53
N VAL A 162 -22.17 -11.86 -9.81
CA VAL A 162 -21.37 -11.32 -10.84
C VAL A 162 -21.65 -9.84 -11.15
N GLY A 163 -22.89 -9.43 -10.95
CA GLY A 163 -23.32 -8.05 -11.13
C GLY A 163 -23.63 -7.70 -12.55
N TYR A 164 -23.79 -6.39 -12.78
CA TYR A 164 -24.18 -5.84 -14.04
C TYR A 164 -22.99 -5.65 -14.88
N MET A 165 -22.78 -6.53 -15.83
CA MET A 165 -21.52 -6.58 -16.54
C MET A 165 -21.39 -5.54 -17.69
N SER A 166 -22.51 -5.21 -18.34
CA SER A 166 -22.46 -4.47 -19.60
C SER A 166 -23.86 -4.15 -20.05
N TRP A 167 -24.07 -2.90 -20.50
CA TRP A 167 -25.29 -2.56 -21.18
C TRP A 167 -25.42 -3.06 -22.58
N MET A 168 -24.31 -3.31 -23.24
CA MET A 168 -24.33 -3.83 -24.59
C MET A 168 -24.78 -5.27 -24.65
N ASN A 169 -24.22 -6.11 -23.77
CA ASN A 169 -24.41 -7.57 -23.85
C ASN A 169 -23.98 -8.17 -22.52
N GLN A 170 -24.86 -8.84 -21.85
CA GLN A 170 -24.48 -9.62 -20.68
C GLN A 170 -25.44 -10.81 -20.63
N SER A 171 -24.92 -11.92 -20.10
CA SER A 171 -25.64 -13.17 -20.02
C SER A 171 -24.93 -14.13 -19.12
N GLY A 172 -25.57 -15.28 -18.87
CA GLY A 172 -24.85 -16.34 -18.20
C GLY A 172 -25.58 -17.64 -18.27
N ASP A 173 -24.83 -18.73 -18.19
CA ASP A 173 -25.47 -20.02 -18.05
C ASP A 173 -24.51 -21.00 -17.41
N TYR A 174 -25.08 -22.14 -17.08
CA TYR A 174 -24.35 -23.30 -16.57
C TYR A 174 -23.67 -24.06 -17.63
N SER A 175 -22.44 -24.46 -17.42
CA SER A 175 -21.72 -25.23 -18.43
C SER A 175 -21.33 -26.55 -17.76
N GLN A 176 -21.98 -27.63 -18.18
CA GLN A 176 -21.50 -28.96 -17.66
C GLN A 176 -20.06 -29.24 -18.03
N THR A 177 -19.63 -28.88 -19.20
CA THR A 177 -18.30 -29.16 -19.71
C THR A 177 -17.20 -28.43 -18.94
N ALA A 178 -17.46 -27.17 -18.63
CA ALA A 178 -16.52 -26.40 -17.74
C ALA A 178 -16.62 -26.76 -16.28
N GLY A 179 -17.72 -27.36 -15.93
CA GLY A 179 -18.09 -27.67 -14.57
C GLY A 179 -18.30 -26.46 -13.69
N GLY A 180 -19.24 -25.64 -14.11
CA GLY A 180 -19.70 -24.53 -13.31
C GLY A 180 -20.38 -23.48 -14.18
N ILE A 181 -20.50 -22.28 -13.60
CA ILE A 181 -21.24 -21.16 -14.23
C ILE A 181 -20.27 -20.30 -15.01
N ILE A 182 -20.70 -19.93 -16.21
CA ILE A 182 -19.94 -19.01 -17.05
C ILE A 182 -20.90 -17.81 -17.35
N ALA A 183 -20.52 -16.63 -16.88
CA ALA A 183 -21.15 -15.36 -17.22
C ALA A 183 -20.33 -14.70 -18.29
N SER A 184 -20.99 -13.98 -19.22
CA SER A 184 -20.36 -13.49 -20.42
C SER A 184 -20.87 -12.08 -20.75
N CYS A 185 -19.95 -11.20 -21.10
CA CYS A 185 -20.32 -9.91 -21.62
C CYS A 185 -19.49 -9.42 -22.77
N VAL A 186 -19.89 -8.27 -23.33
CA VAL A 186 -18.99 -7.51 -24.20
C VAL A 186 -18.78 -6.15 -23.51
N THR A 187 -17.52 -5.82 -23.24
CA THR A 187 -17.25 -4.53 -22.60
C THR A 187 -17.74 -3.36 -23.53
N PRO A 188 -18.57 -2.46 -23.01
CA PRO A 188 -19.09 -1.43 -23.91
C PRO A 188 -18.04 -0.46 -24.47
N TYR A 189 -18.30 0.00 -25.66
CA TYR A 189 -17.49 0.98 -26.35
C TYR A 189 -18.38 1.51 -27.53
N GLN A 190 -17.86 2.56 -28.23
CA GLN A 190 -18.45 3.06 -29.46
C GLN A 190 -17.50 3.27 -30.59
N LYS A 191 -16.21 3.55 -30.29
CA LYS A 191 -15.20 3.78 -31.33
C LYS A 191 -14.62 2.51 -31.91
N VAL A 192 -14.52 2.43 -33.25
CA VAL A 192 -14.02 1.23 -33.90
C VAL A 192 -12.57 0.86 -33.39
N ALA A 193 -11.75 1.85 -33.09
CA ALA A 193 -10.37 1.60 -32.60
C ALA A 193 -10.41 0.75 -31.29
N ASP A 194 -11.45 0.95 -30.52
CA ASP A 194 -11.64 0.20 -29.25
C ASP A 194 -12.01 -1.26 -29.43
N TYR A 195 -12.68 -1.56 -30.54
CA TYR A 195 -12.84 -2.96 -30.88
C TYR A 195 -11.45 -3.67 -31.02
N PHE A 196 -10.52 -3.02 -31.70
CA PHE A 196 -9.21 -3.67 -31.94
C PHE A 196 -8.46 -3.70 -30.60
N LYS A 197 -8.62 -2.66 -29.81
CA LYS A 197 -7.95 -2.55 -28.51
C LYS A 197 -8.41 -3.59 -27.50
N ASN A 198 -9.70 -3.91 -27.52
CA ASN A 198 -10.34 -4.76 -26.58
C ASN A 198 -10.35 -6.28 -26.89
N LYS A 199 -9.59 -6.68 -27.92
CA LYS A 199 -9.77 -8.02 -28.52
C LYS A 199 -9.41 -9.14 -27.55
N ASP A 200 -8.43 -8.92 -26.71
CA ASP A 200 -8.01 -10.00 -25.81
C ASP A 200 -8.63 -9.89 -24.39
N PHE A 201 -9.70 -9.12 -24.21
CA PHE A 201 -10.22 -8.89 -22.91
C PHE A 201 -10.81 -10.21 -22.46
N LYS A 202 -10.67 -10.42 -21.15
CA LYS A 202 -11.26 -11.58 -20.43
C LYS A 202 -12.65 -11.23 -19.96
N ASP A 203 -13.59 -11.23 -20.94
CA ASP A 203 -14.96 -10.84 -20.66
C ASP A 203 -15.92 -11.93 -20.21
N LYS A 204 -15.42 -13.12 -19.88
CA LYS A 204 -16.27 -14.09 -19.22
C LYS A 204 -15.83 -14.12 -17.75
N THR A 205 -16.74 -14.43 -16.88
CA THR A 205 -16.45 -14.70 -15.48
C THR A 205 -16.87 -16.12 -15.22
N PHE A 206 -15.96 -16.89 -14.63
CA PHE A 206 -16.30 -18.27 -14.23
C PHE A 206 -16.44 -18.43 -12.73
N PHE A 207 -17.30 -19.38 -12.33
CA PHE A 207 -17.36 -19.91 -11.04
C PHE A 207 -17.41 -21.43 -11.22
N LEU A 208 -16.31 -22.14 -10.98
CA LEU A 208 -16.20 -23.55 -11.30
C LEU A 208 -16.14 -24.37 -9.99
N HIS A 209 -16.83 -25.51 -10.01
CA HIS A 209 -16.89 -26.43 -8.86
C HIS A 209 -16.00 -27.67 -9.09
N GLU A 210 -15.28 -28.12 -8.04
CA GLU A 210 -14.64 -29.44 -8.11
C GLU A 210 -15.70 -30.53 -8.05
N THR A 211 -16.63 -30.40 -7.10
CA THR A 211 -17.69 -31.37 -6.83
C THR A 211 -18.96 -30.94 -7.55
N ALA A 212 -19.53 -31.87 -8.35
CA ALA A 212 -20.80 -31.57 -9.06
C ALA A 212 -21.94 -31.28 -8.06
N PRO A 213 -22.70 -30.21 -8.30
CA PRO A 213 -23.73 -29.81 -7.37
C PRO A 213 -25.12 -30.45 -7.68
N ALA A 214 -26.06 -30.32 -6.77
CA ALA A 214 -27.45 -30.77 -7.07
C ALA A 214 -28.17 -29.86 -8.09
N ALA A 215 -27.90 -28.55 -8.02
CA ALA A 215 -28.63 -27.59 -8.88
C ALA A 215 -27.80 -26.27 -8.89
N TRP A 216 -28.33 -25.30 -9.60
CA TRP A 216 -27.58 -24.01 -9.85
C TRP A 216 -28.59 -22.93 -10.18
N GLU A 217 -28.13 -21.66 -10.17
CA GLU A 217 -29.02 -20.57 -10.61
C GLU A 217 -28.09 -19.49 -11.11
N VAL A 218 -28.36 -18.96 -12.30
CA VAL A 218 -27.44 -17.92 -12.92
C VAL A 218 -28.19 -16.56 -13.06
N ASN A 219 -29.46 -16.50 -12.69
CA ASN A 219 -30.29 -15.24 -12.82
C ASN A 219 -30.40 -14.62 -11.43
N GLN A 220 -29.75 -13.43 -11.25
CA GLN A 220 -29.80 -12.79 -9.94
C GLN A 220 -31.18 -12.55 -9.41
N LYS A 221 -32.03 -11.98 -10.24
CA LYS A 221 -33.43 -11.69 -9.82
C LYS A 221 -34.18 -12.96 -9.45
N ASN A 222 -33.99 -14.03 -10.23
CA ASN A 222 -34.67 -15.31 -9.85
C ASN A 222 -34.16 -15.82 -8.49
N PHE A 223 -32.86 -15.65 -8.23
CA PHE A 223 -32.26 -16.04 -6.98
C PHE A 223 -32.91 -15.35 -5.80
N GLU A 224 -33.02 -14.03 -5.86
CA GLU A 224 -33.60 -13.30 -4.76
C GLU A 224 -35.09 -13.44 -4.61
N GLY A 225 -35.79 -13.30 -5.72
CA GLY A 225 -37.26 -13.04 -5.70
C GLY A 225 -37.64 -12.00 -4.69
N GLU A 226 -38.80 -12.13 -4.03
CA GLU A 226 -39.29 -11.10 -3.10
C GLU A 226 -38.54 -11.18 -1.82
N GLY A 227 -37.86 -12.28 -1.57
CA GLY A 227 -37.15 -12.45 -0.33
C GLY A 227 -35.87 -11.64 -0.23
N GLY A 228 -35.28 -11.27 -1.35
CA GLY A 228 -34.05 -10.41 -1.33
C GLY A 228 -32.85 -11.21 -0.89
N LEU A 229 -31.75 -10.52 -0.59
CA LEU A 229 -30.59 -11.23 -0.11
C LEU A 229 -30.78 -11.84 1.32
N HIS A 230 -31.65 -11.23 2.10
CA HIS A 230 -31.93 -11.70 3.47
C HIS A 230 -32.48 -13.12 3.54
N ASN A 231 -33.33 -13.48 2.60
CA ASN A 231 -34.06 -14.73 2.58
C ASN A 231 -34.42 -15.09 1.15
N PRO A 232 -33.37 -15.46 0.35
CA PRO A 232 -33.64 -15.59 -1.09
C PRO A 232 -34.75 -16.61 -1.36
N ASN A 233 -35.63 -16.26 -2.29
CA ASN A 233 -36.64 -17.22 -2.75
C ASN A 233 -36.16 -18.53 -3.25
N ALA A 234 -34.99 -18.51 -3.92
CA ALA A 234 -34.41 -19.71 -4.51
C ALA A 234 -33.96 -20.68 -3.39
N ILE A 235 -33.63 -20.15 -2.20
CA ILE A 235 -33.16 -20.92 -1.08
C ILE A 235 -34.36 -21.41 -0.23
N GLN A 236 -35.45 -20.67 -0.25
CA GLN A 236 -36.71 -21.14 0.42
C GLN A 236 -37.28 -22.38 -0.16
N GLN A 237 -37.26 -22.56 -1.48
CA GLN A 237 -37.74 -23.75 -2.08
C GLN A 237 -36.80 -24.93 -1.94
N GLU A 238 -37.24 -26.15 -2.32
CA GLU A 238 -36.41 -27.30 -2.06
C GLU A 238 -35.11 -27.31 -2.90
N THR A 239 -35.25 -26.98 -4.17
CA THR A 239 -34.17 -27.06 -5.13
C THR A 239 -34.09 -25.75 -5.92
N LEU A 240 -32.89 -25.32 -6.26
CA LEU A 240 -32.72 -24.20 -7.18
C LEU A 240 -33.37 -24.52 -8.52
N GLY A 241 -33.92 -23.49 -9.15
CA GLY A 241 -34.51 -23.60 -10.47
C GLY A 241 -33.66 -23.76 -11.70
N CYS A 242 -32.32 -23.62 -11.65
CA CYS A 242 -31.51 -23.86 -12.82
C CYS A 242 -31.79 -22.87 -13.96
N GLY A 243 -32.08 -21.62 -13.63
CA GLY A 243 -32.36 -20.59 -14.63
C GLY A 243 -31.09 -19.96 -15.17
N ASN A 244 -31.22 -19.41 -16.37
CA ASN A 244 -30.09 -18.69 -17.03
C ASN A 244 -30.39 -17.18 -17.08
N ALA A 245 -29.43 -16.42 -17.61
CA ALA A 245 -29.52 -14.99 -17.75
C ALA A 245 -29.28 -14.64 -19.23
N LEU A 246 -30.28 -13.94 -19.75
CA LEU A 246 -30.37 -13.57 -21.16
C LEU A 246 -30.61 -12.04 -21.25
N TYR A 247 -29.49 -11.30 -21.37
CA TYR A 247 -29.57 -9.83 -21.20
C TYR A 247 -30.26 -9.49 -19.86
N GLU A 248 -29.87 -10.26 -18.82
CA GLU A 248 -30.34 -10.06 -17.49
C GLU A 248 -29.08 -10.10 -16.60
N THR A 249 -29.13 -9.48 -15.44
CA THR A 249 -27.97 -9.56 -14.50
C THR A 249 -27.72 -11.04 -14.08
N PRO A 250 -26.54 -11.54 -14.35
CA PRO A 250 -26.19 -12.91 -14.02
C PRO A 250 -25.68 -12.98 -12.59
N THR A 251 -25.63 -14.19 -12.08
CA THR A 251 -25.07 -14.50 -10.76
C THR A 251 -24.46 -15.90 -10.76
N ALA A 252 -23.64 -16.24 -9.78
CA ALA A 252 -23.11 -17.59 -9.61
C ALA A 252 -23.62 -18.17 -8.33
N VAL A 253 -24.65 -19.03 -8.44
CA VAL A 253 -25.19 -19.73 -7.25
C VAL A 253 -25.22 -21.25 -7.53
N LEU A 254 -24.71 -22.03 -6.62
CA LEU A 254 -24.81 -23.48 -6.69
C LEU A 254 -25.58 -23.99 -5.48
N GLN A 255 -26.03 -25.24 -5.55
CA GLN A 255 -26.66 -25.91 -4.38
C GLN A 255 -26.12 -27.33 -4.18
N TYR A 256 -25.63 -27.57 -2.96
CA TYR A 256 -25.23 -28.95 -2.47
C TYR A 256 -26.26 -29.36 -1.39
N ARG A 257 -26.74 -30.61 -1.51
CA ARG A 257 -27.66 -31.19 -0.47
C ARG A 257 -26.94 -32.32 0.14
N ARG A 258 -26.84 -32.26 1.48
CA ARG A 258 -26.07 -33.27 2.17
C ARG A 258 -26.78 -33.67 3.45
N GLU A 259 -26.63 -34.96 3.82
CA GLU A 259 -26.94 -35.34 5.20
C GLU A 259 -25.62 -35.63 5.83
N LEU A 260 -25.23 -34.83 6.83
CA LEU A 260 -24.01 -35.01 7.54
C LEU A 260 -24.25 -35.75 8.88
N ALA A 261 -23.48 -36.82 9.06
CA ALA A 261 -23.40 -37.52 10.38
C ALA A 261 -22.81 -36.65 11.45
N ALA A 262 -22.99 -37.11 12.68
CA ALA A 262 -22.40 -36.50 13.79
C ALA A 262 -20.93 -36.37 13.62
N GLN A 263 -20.42 -35.17 13.84
CA GLN A 263 -18.99 -34.84 13.61
C GLN A 263 -18.45 -34.92 12.21
N GLU A 264 -19.27 -35.16 11.20
CA GLU A 264 -18.77 -35.31 9.85
C GLU A 264 -18.50 -33.83 9.26
N GLN A 265 -17.37 -33.76 8.61
CA GLN A 265 -16.96 -32.55 7.86
C GLN A 265 -16.77 -32.94 6.41
N GLN A 266 -17.24 -32.07 5.51
CA GLN A 266 -16.95 -32.22 4.10
C GLN A 266 -16.28 -30.92 3.57
N THR A 267 -15.42 -31.11 2.56
CA THR A 267 -14.64 -30.02 1.93
C THR A 267 -15.13 -29.84 0.49
N PHE A 268 -15.30 -28.58 0.04
CA PHE A 268 -15.73 -28.26 -1.32
C PHE A 268 -14.78 -27.17 -1.87
N ARG A 269 -14.37 -27.31 -3.13
CA ARG A 269 -13.45 -26.36 -3.73
C ARG A 269 -14.08 -25.74 -4.89
N PHE A 270 -13.69 -24.46 -5.13
CA PHE A 270 -14.19 -23.66 -6.24
C PHE A 270 -13.07 -22.75 -6.72
N ILE A 271 -13.19 -22.33 -7.98
CA ILE A 271 -12.29 -21.24 -8.46
C ILE A 271 -13.22 -20.18 -9.11
N PHE A 272 -12.83 -18.90 -8.99
CA PHE A 272 -13.62 -17.74 -9.42
C PHE A 272 -12.68 -16.77 -10.09
N GLY A 273 -13.07 -16.25 -11.22
CA GLY A 273 -12.16 -15.36 -11.97
C GLY A 273 -12.58 -15.05 -13.39
N PRO A 274 -11.70 -14.36 -14.14
CA PRO A 274 -11.97 -13.96 -15.49
C PRO A 274 -11.35 -14.93 -16.47
N ALA A 275 -11.98 -15.02 -17.66
CA ALA A 275 -11.41 -15.76 -18.75
C ALA A 275 -11.83 -15.18 -20.10
N PHE A 276 -10.97 -15.38 -21.09
CA PHE A 276 -11.29 -15.02 -22.47
C PHE A 276 -12.42 -15.91 -23.01
N ASP A 277 -12.38 -17.18 -22.60
CA ASP A 277 -13.26 -18.17 -23.18
C ASP A 277 -13.30 -19.38 -22.23
N GLU A 278 -14.17 -20.31 -22.60
CA GLU A 278 -14.30 -21.50 -21.79
C GLU A 278 -13.05 -22.31 -21.81
N SER A 279 -12.30 -22.33 -22.91
CA SER A 279 -11.03 -23.10 -22.93
C SER A 279 -9.99 -22.58 -21.87
N GLU A 280 -9.95 -21.25 -21.67
CA GLU A 280 -9.08 -20.71 -20.62
C GLU A 280 -9.60 -21.11 -19.22
N ALA A 281 -10.87 -21.09 -19.02
CA ALA A 281 -11.42 -21.48 -17.75
C ALA A 281 -11.05 -22.96 -17.40
N ILE A 282 -11.23 -23.83 -18.39
CA ILE A 282 -10.90 -25.29 -18.23
C ILE A 282 -9.39 -25.44 -17.94
N ALA A 283 -8.58 -24.66 -18.61
CA ALA A 283 -7.11 -24.69 -18.36
C ALA A 283 -6.80 -24.37 -16.89
N LEU A 284 -7.46 -23.34 -16.34
CA LEU A 284 -7.36 -23.01 -14.92
C LEU A 284 -7.92 -24.07 -14.02
N ARG A 285 -9.02 -24.69 -14.43
CA ARG A 285 -9.59 -25.79 -13.67
C ARG A 285 -8.58 -26.96 -13.56
N ASN A 286 -8.02 -27.35 -14.68
CA ASN A 286 -7.08 -28.48 -14.71
C ASN A 286 -5.82 -28.14 -13.83
N LYS A 287 -5.37 -26.89 -13.95
CA LYS A 287 -4.17 -26.47 -13.22
C LYS A 287 -4.41 -26.41 -11.73
N TYR A 288 -5.55 -25.89 -11.29
CA TYR A 288 -5.78 -25.53 -9.92
C TYR A 288 -6.81 -26.27 -9.14
N LEU A 289 -7.88 -26.75 -9.76
CA LEU A 289 -9.06 -27.06 -9.00
C LEU A 289 -9.04 -28.52 -8.51
N SER A 290 -8.28 -28.72 -7.44
CA SER A 290 -8.09 -30.01 -6.81
C SER A 290 -7.37 -29.77 -5.46
N ALA A 291 -7.32 -30.79 -4.60
CA ALA A 291 -6.42 -30.71 -3.37
C ALA A 291 -5.00 -30.52 -3.78
N GLU A 292 -4.50 -31.24 -4.79
CA GLU A 292 -3.14 -31.09 -5.24
C GLU A 292 -2.84 -29.73 -5.89
N GLY A 293 -3.79 -29.23 -6.68
CA GLY A 293 -3.68 -27.87 -7.23
C GLY A 293 -3.61 -26.78 -6.21
N PHE A 294 -4.47 -26.85 -5.24
CA PHE A 294 -4.50 -25.89 -4.14
C PHE A 294 -3.20 -25.96 -3.32
N ALA A 295 -2.75 -27.16 -2.95
CA ALA A 295 -1.47 -27.29 -2.21
C ALA A 295 -0.28 -26.74 -2.92
N LYS A 296 -0.17 -27.04 -4.17
CA LYS A 296 0.93 -26.60 -5.01
C LYS A 296 0.90 -25.06 -5.14
N ALA A 297 -0.27 -24.49 -5.39
CA ALA A 297 -0.42 -23.01 -5.37
C ALA A 297 -0.03 -22.39 -4.10
N LYS A 298 -0.46 -22.95 -3.02
CA LYS A 298 -0.19 -22.37 -1.70
C LYS A 298 1.32 -22.45 -1.37
N SER A 299 1.94 -23.58 -1.67
CA SER A 299 3.35 -23.77 -1.37
C SER A 299 4.16 -22.75 -2.23
N GLU A 300 3.82 -22.62 -3.51
CA GLU A 300 4.51 -21.62 -4.39
C GLU A 300 4.25 -20.16 -3.94
N TYR A 301 3.04 -19.88 -3.48
CA TYR A 301 2.67 -18.52 -3.00
C TYR A 301 3.44 -18.20 -1.68
N GLN A 302 3.51 -19.19 -0.81
CA GLN A 302 4.27 -19.02 0.45
C GLN A 302 5.75 -18.72 0.20
N THR A 303 6.33 -19.37 -0.78
CA THR A 303 7.65 -19.10 -1.19
C THR A 303 7.86 -17.69 -1.72
N TYR A 304 6.91 -17.29 -2.56
CA TYR A 304 6.88 -15.90 -3.07
C TYR A 304 6.83 -14.89 -1.97
N ILE A 305 5.93 -15.02 -0.96
CA ILE A 305 5.85 -14.06 0.14
C ILE A 305 7.11 -14.13 0.99
N THR A 306 7.66 -15.34 1.19
CA THR A 306 8.93 -15.48 1.96
C THR A 306 10.08 -14.82 1.27
N SER A 307 10.08 -14.83 -0.06
CA SER A 307 11.14 -14.20 -0.79
C SER A 307 11.20 -12.69 -0.55
N GLY A 308 10.08 -12.12 -0.14
CA GLY A 308 9.96 -10.70 0.23
C GLY A 308 9.94 -10.41 1.71
N LYS A 309 10.54 -11.24 2.53
CA LYS A 309 10.33 -11.15 4.00
C LYS A 309 11.19 -9.99 4.58
N GLY A 310 12.16 -9.56 3.83
CA GLY A 310 12.94 -8.39 4.25
C GLY A 310 14.14 -8.74 5.13
N CYS A 311 14.63 -7.74 5.82
CA CYS A 311 15.99 -7.80 6.34
C CYS A 311 16.07 -7.48 7.82
N LEU A 312 14.93 -7.38 8.55
CA LEU A 312 14.99 -6.97 9.96
C LEU A 312 13.95 -7.68 10.76
N GLN A 313 14.36 -8.41 11.79
CA GLN A 313 13.37 -9.01 12.68
C GLN A 313 13.70 -8.40 14.03
N ILE A 314 12.69 -7.95 14.81
CA ILE A 314 12.99 -7.17 16.03
C ILE A 314 12.37 -7.90 17.21
N ASN A 315 12.94 -7.63 18.41
CA ASN A 315 12.28 -8.10 19.66
C ASN A 315 12.45 -7.01 20.70
N THR A 316 11.42 -6.14 20.80
CA THR A 316 11.46 -4.95 21.59
C THR A 316 10.50 -5.22 22.78
N PRO A 317 10.46 -4.27 23.74
CA PRO A 317 9.48 -4.36 24.84
C PRO A 317 8.01 -4.05 24.39
N ASP A 318 7.82 -3.67 23.11
CA ASP A 318 6.46 -3.41 22.56
C ASP A 318 6.05 -4.60 21.64
N PRO A 319 5.19 -5.53 22.12
CA PRO A 319 4.85 -6.66 21.28
C PRO A 319 3.97 -6.29 20.08
N GLU A 320 3.22 -5.20 20.17
CA GLU A 320 2.45 -4.71 18.95
C GLU A 320 3.39 -4.25 17.86
N LEU A 321 4.43 -3.45 18.22
CA LEU A 321 5.44 -3.09 17.25
C LEU A 321 6.15 -4.30 16.72
N ASN A 322 6.53 -5.25 17.60
CA ASN A 322 7.21 -6.45 17.06
C ASN A 322 6.37 -7.15 15.94
N ASN A 323 5.11 -7.37 16.22
CA ASN A 323 4.21 -8.08 15.30
C ASN A 323 4.13 -7.35 13.98
N PHE A 324 3.98 -6.03 14.04
CA PHE A 324 3.77 -5.28 12.81
C PHE A 324 4.99 -5.33 11.96
N VAL A 325 6.12 -4.98 12.59
CA VAL A 325 7.39 -4.93 11.92
C VAL A 325 7.84 -6.22 11.41
N ASN A 326 7.66 -7.28 12.19
CA ASN A 326 8.19 -8.54 11.77
C ASN A 326 7.38 -9.22 10.66
N HIS A 327 6.08 -9.02 10.70
CA HIS A 327 5.15 -9.84 9.94
C HIS A 327 4.43 -9.12 8.80
N TRP A 328 4.12 -7.86 8.97
CA TRP A 328 3.15 -7.13 8.09
C TRP A 328 3.87 -6.08 7.29
N LEU A 329 4.82 -5.30 7.89
CA LEU A 329 5.52 -4.25 7.21
C LEU A 329 6.23 -4.69 5.96
N PRO A 330 7.08 -5.75 6.04
CA PRO A 330 7.88 -6.05 4.85
C PRO A 330 6.94 -6.56 3.67
N ARG A 331 5.90 -7.27 3.99
CA ARG A 331 4.95 -7.71 2.99
C ARG A 331 4.31 -6.50 2.27
N GLN A 332 3.88 -5.48 3.02
CA GLN A 332 3.33 -4.27 2.38
C GLN A 332 4.36 -3.53 1.53
N VAL A 333 5.62 -3.43 2.01
CA VAL A 333 6.65 -2.91 1.15
C VAL A 333 6.85 -3.71 -0.15
N PHE A 334 6.95 -5.04 -0.06
CA PHE A 334 7.14 -5.91 -1.11
C PHE A 334 6.07 -5.81 -2.21
N TYR A 335 4.82 -5.70 -1.77
CA TYR A 335 3.68 -5.46 -2.73
C TYR A 335 3.98 -4.24 -3.64
N HIS A 336 4.39 -3.14 -3.04
CA HIS A 336 4.62 -1.91 -3.82
C HIS A 336 5.69 -2.04 -4.86
N GLY A 337 6.86 -2.57 -4.53
CA GLY A 337 7.90 -2.67 -5.54
C GLY A 337 7.75 -3.82 -6.51
N ASP A 338 7.09 -4.86 -6.04
CA ASP A 338 7.03 -6.04 -6.87
C ASP A 338 6.01 -5.85 -8.00
N VAL A 339 4.87 -5.22 -7.77
CA VAL A 339 3.87 -4.98 -8.79
C VAL A 339 3.50 -3.54 -9.06
N ASN A 340 4.16 -2.60 -8.39
CA ASN A 340 4.01 -1.18 -8.75
C ASN A 340 2.60 -0.67 -8.74
N ARG A 341 1.85 -1.06 -7.73
CA ARG A 341 0.51 -0.66 -7.55
C ARG A 341 -0.50 -1.12 -8.69
N LEU A 342 -0.09 -2.02 -9.55
CA LEU A 342 -0.98 -2.54 -10.63
C LEU A 342 -1.52 -1.36 -11.46
N THR A 343 -0.56 -0.57 -11.98
CA THR A 343 -0.78 0.45 -12.99
C THR A 343 0.30 0.25 -14.01
N THR A 344 -0.03 0.44 -15.29
CA THR A 344 0.96 0.44 -16.33
C THR A 344 1.75 1.79 -16.45
N ASP A 345 1.32 2.83 -15.76
CA ASP A 345 2.03 4.15 -15.78
C ASP A 345 2.14 4.67 -14.35
N PRO A 346 2.95 4.00 -13.53
CA PRO A 346 3.19 4.54 -12.17
C PRO A 346 3.61 5.97 -12.21
N GLN A 347 3.10 6.77 -11.32
CA GLN A 347 3.57 8.14 -11.10
C GLN A 347 5.12 8.03 -10.77
N THR A 348 5.90 8.85 -11.39
CA THR A 348 7.37 8.75 -11.26
C THR A 348 7.83 8.74 -9.78
N ARG A 349 7.31 9.63 -8.92
CA ARG A 349 7.71 9.66 -7.55
C ARG A 349 7.32 8.42 -6.83
N ASN A 350 6.17 7.79 -7.21
CA ASN A 350 5.80 6.52 -6.67
C ASN A 350 6.70 5.36 -7.12
N TYR A 351 7.02 5.25 -8.40
CA TYR A 351 7.81 4.24 -8.92
C TYR A 351 9.21 4.31 -8.19
N ILE A 352 9.75 5.51 -8.03
CA ILE A 352 11.11 5.64 -7.45
C ILE A 352 11.05 5.32 -5.95
N GLN A 353 10.08 5.82 -5.18
CA GLN A 353 9.95 5.60 -3.77
C GLN A 353 9.60 4.14 -3.44
N ASP A 354 8.62 3.56 -4.15
CA ASP A 354 8.33 2.18 -3.92
C ASP A 354 9.51 1.25 -4.18
N ASN A 355 10.26 1.51 -5.24
CA ASN A 355 11.47 0.72 -5.53
C ASN A 355 12.58 1.01 -4.51
N MET A 356 12.61 2.19 -3.93
CA MET A 356 13.52 2.45 -2.82
C MET A 356 13.34 1.47 -1.69
N GLY A 357 12.09 1.19 -1.36
CA GLY A 357 11.77 0.18 -0.35
C GLY A 357 12.32 -1.18 -0.69
N MET A 358 12.38 -1.51 -1.99
CA MET A 358 12.89 -2.79 -2.40
C MET A 358 14.38 -2.98 -2.15
N SER A 359 15.06 -1.89 -1.84
CA SER A 359 16.47 -1.94 -1.47
C SER A 359 16.68 -2.89 -0.33
N TYR A 360 15.74 -2.96 0.58
CA TYR A 360 15.78 -3.74 1.81
C TYR A 360 15.11 -5.17 1.65
N ILE A 361 14.65 -5.50 0.43
CA ILE A 361 13.85 -6.73 0.21
C ILE A 361 14.48 -7.51 -0.90
N LYS A 362 14.58 -6.92 -2.12
CA LYS A 362 15.20 -7.47 -3.31
C LYS A 362 15.83 -6.36 -4.12
N PRO A 363 17.08 -5.99 -3.77
CA PRO A 363 17.67 -4.77 -4.37
C PRO A 363 17.91 -4.89 -5.80
N ASN A 364 17.96 -6.09 -6.41
CA ASN A 364 18.10 -6.08 -7.82
C ASN A 364 16.90 -5.48 -8.60
N ILE A 365 15.75 -5.59 -7.99
CA ILE A 365 14.50 -4.93 -8.50
C ILE A 365 14.70 -3.43 -8.48
N THR A 366 15.28 -2.92 -7.41
CA THR A 366 15.57 -1.46 -7.29
C THR A 366 16.52 -1.03 -8.39
N ARG A 367 17.58 -1.80 -8.58
CA ARG A 367 18.54 -1.49 -9.56
C ARG A 367 17.94 -1.35 -10.97
N GLN A 368 17.18 -2.37 -11.33
CA GLN A 368 16.50 -2.39 -12.60
C GLN A 368 15.47 -1.18 -12.75
N ALA A 369 14.83 -0.83 -11.67
CA ALA A 369 13.87 0.25 -11.67
C ALA A 369 14.58 1.60 -11.98
N PHE A 370 15.79 1.84 -11.44
CA PHE A 370 16.52 3.04 -11.81
C PHE A 370 16.87 3.04 -13.26
N LEU A 371 17.28 1.90 -13.81
CA LEU A 371 17.65 1.85 -15.18
C LEU A 371 16.44 2.11 -16.10
N HIS A 372 15.32 1.48 -15.72
CA HIS A 372 14.07 1.66 -16.49
C HIS A 372 13.60 3.14 -16.45
N ALA A 373 13.54 3.70 -15.27
CA ALA A 373 13.07 5.08 -15.09
C ALA A 373 13.96 6.05 -15.88
N LEU A 374 15.27 5.88 -15.73
CA LEU A 374 16.16 6.82 -16.43
C LEU A 374 16.15 6.72 -17.93
N SER A 375 15.82 5.56 -18.48
CA SER A 375 15.66 5.39 -19.91
C SER A 375 14.53 6.25 -20.51
N GLN A 376 13.65 6.72 -19.64
CA GLN A 376 12.49 7.61 -20.02
C GLN A 376 12.70 9.02 -19.68
N GLN A 377 13.88 9.39 -19.19
CA GLN A 377 14.19 10.76 -18.97
C GLN A 377 14.22 11.53 -20.27
N GLU A 378 13.76 12.78 -20.20
CA GLU A 378 13.76 13.66 -21.35
C GLU A 378 15.16 14.19 -21.56
N GLU A 379 15.42 14.48 -22.82
CA GLU A 379 16.70 15.09 -23.25
C GLU A 379 17.09 16.34 -22.49
N SER A 380 16.10 17.12 -22.07
CA SER A 380 16.38 18.27 -21.21
C SER A 380 16.97 17.97 -19.85
N GLY A 381 16.88 16.69 -19.40
CA GLY A 381 17.07 16.36 -18.03
C GLY A 381 15.83 16.19 -17.22
N ALA A 382 14.70 16.79 -17.65
CA ALA A 382 13.45 16.63 -16.88
C ALA A 382 13.03 15.14 -16.86
N MET A 383 12.39 14.71 -15.79
CA MET A 383 11.73 13.38 -15.74
C MET A 383 10.23 13.54 -16.09
N PRO A 384 9.71 12.53 -16.76
CA PRO A 384 8.32 12.57 -17.09
C PRO A 384 7.45 12.35 -15.86
N ASP A 385 6.15 12.66 -15.98
CA ASP A 385 5.27 12.57 -14.83
C ASP A 385 4.99 11.09 -14.40
N GLY A 386 5.04 10.20 -15.34
CA GLY A 386 4.97 8.78 -15.08
C GLY A 386 5.99 8.01 -15.80
N ILE A 387 6.15 6.72 -15.41
CA ILE A 387 7.03 5.78 -16.03
C ILE A 387 6.19 4.70 -16.69
N LEU A 388 6.34 4.55 -17.98
CA LEU A 388 5.59 3.50 -18.70
C LEU A 388 6.23 2.12 -18.51
N LEU A 389 5.40 1.13 -18.10
CA LEU A 389 5.96 -0.22 -17.82
C LEU A 389 5.75 -1.15 -18.96
N LEU A 390 5.01 -0.72 -19.95
CA LEU A 390 4.71 -1.57 -21.10
C LEU A 390 4.70 -0.76 -22.36
N GLU A 391 5.15 -1.36 -23.46
CA GLU A 391 5.06 -0.76 -24.79
C GLU A 391 3.55 -0.50 -25.12
N GLY A 392 3.28 0.71 -25.54
CA GLY A 392 1.93 1.05 -25.81
C GLY A 392 1.18 1.65 -24.66
N ALA A 393 1.63 1.50 -23.38
CA ALA A 393 0.93 2.19 -22.32
C ALA A 393 1.01 3.71 -22.48
N GLU A 394 0.08 4.38 -21.80
CA GLU A 394 -0.02 5.84 -21.81
C GLU A 394 -0.12 6.40 -20.45
N LEU A 395 0.23 7.71 -20.36
CA LEU A 395 0.04 8.44 -19.15
C LEU A 395 -1.48 8.65 -18.93
N LYS A 396 -1.92 8.45 -17.70
CA LYS A 396 -3.37 8.51 -17.30
C LYS A 396 -3.62 9.34 -16.09
N TYR A 397 -4.86 9.89 -15.97
CA TYR A 397 -5.29 10.58 -14.78
C TYR A 397 -4.30 11.67 -14.33
N ILE A 398 -3.80 11.60 -13.07
CA ILE A 398 -2.98 12.76 -12.64
C ILE A 398 -1.75 12.92 -13.47
N ASN A 399 -1.23 11.81 -14.04
CA ASN A 399 -0.03 11.82 -14.89
C ASN A 399 -0.09 12.69 -16.18
N GLN A 400 -1.31 13.12 -16.53
CA GLN A 400 -1.55 14.05 -17.65
C GLN A 400 -1.53 15.51 -17.21
N ILE A 401 -1.43 15.78 -15.92
CA ILE A 401 -1.51 17.13 -15.38
C ILE A 401 -0.06 17.53 -14.97
N PRO A 402 0.48 18.66 -15.49
CA PRO A 402 1.96 18.90 -15.33
C PRO A 402 2.33 19.22 -13.88
N HIS A 403 3.17 18.34 -13.33
CA HIS A 403 3.71 18.51 -11.98
C HIS A 403 5.25 18.65 -12.17
N THR A 404 5.95 19.13 -11.14
CA THR A 404 7.34 19.60 -11.43
C THR A 404 8.41 18.90 -10.56
N ASP A 405 8.03 17.96 -9.67
CA ASP A 405 8.96 17.50 -8.64
C ASP A 405 9.70 16.20 -8.96
N HIS A 406 9.48 15.64 -10.13
CA HIS A 406 9.78 14.19 -10.46
C HIS A 406 11.27 13.91 -10.31
N CYS A 407 12.13 14.88 -10.67
CA CYS A 407 13.60 14.67 -10.58
C CYS A 407 14.12 14.57 -9.16
N VAL A 408 13.47 15.19 -8.18
CA VAL A 408 14.01 15.34 -6.86
C VAL A 408 14.18 13.95 -6.20
N TRP A 409 13.31 13.01 -6.55
CA TRP A 409 13.35 11.67 -5.96
C TRP A 409 14.56 10.83 -6.33
N LEU A 410 15.18 11.13 -7.46
CA LEU A 410 16.23 10.29 -7.98
C LEU A 410 17.39 10.20 -6.95
N PRO A 411 18.01 11.32 -6.53
CA PRO A 411 19.11 11.15 -5.55
C PRO A 411 18.67 10.86 -4.19
N VAL A 412 17.49 11.35 -3.81
CA VAL A 412 16.91 11.08 -2.51
C VAL A 412 16.80 9.56 -2.30
N CYS A 413 16.22 8.88 -3.24
CA CYS A 413 16.05 7.42 -3.13
C CYS A 413 17.31 6.61 -3.54
N MET A 414 18.09 7.07 -4.48
CA MET A 414 19.35 6.45 -4.87
C MET A 414 20.26 6.34 -3.64
N GLN A 415 20.17 7.30 -2.76
CA GLN A 415 21.04 7.29 -1.57
C GLN A 415 20.80 6.03 -0.73
N ALA A 416 19.52 5.65 -0.56
CA ALA A 416 19.16 4.49 0.18
C ALA A 416 19.73 3.27 -0.50
N TYR A 417 19.61 3.17 -1.82
CA TYR A 417 20.13 2.08 -2.56
C TYR A 417 21.67 1.92 -2.42
N LEU A 418 22.36 3.03 -2.58
CA LEU A 418 23.83 2.99 -2.49
C LEU A 418 24.30 2.67 -1.07
N ASP A 419 23.65 3.19 -0.04
CA ASP A 419 24.00 2.88 1.32
C ASP A 419 23.78 1.43 1.59
N GLU A 420 22.63 0.87 1.19
CA GLU A 420 22.41 -0.50 1.43
C GLU A 420 23.25 -1.54 0.70
N THR A 421 23.50 -1.34 -0.58
CA THR A 421 24.14 -2.30 -1.44
C THR A 421 25.60 -2.01 -1.71
N ASN A 422 25.97 -0.76 -1.62
CA ASN A 422 27.33 -0.32 -2.12
C ASN A 422 27.50 -0.47 -3.60
N ASP A 423 26.39 -0.48 -4.36
CA ASP A 423 26.47 -0.71 -5.77
C ASP A 423 26.64 0.63 -6.48
N TYR A 424 27.78 1.29 -6.26
CA TYR A 424 28.21 2.39 -7.06
C TYR A 424 28.42 2.08 -8.51
N ALA A 425 28.71 0.81 -8.85
CA ALA A 425 28.90 0.42 -10.23
C ALA A 425 27.64 0.63 -11.09
N LEU A 426 26.49 0.70 -10.46
CA LEU A 426 25.20 1.07 -11.20
C LEU A 426 25.40 2.42 -11.91
N LEU A 427 26.17 3.35 -11.29
CA LEU A 427 26.40 4.66 -11.88
C LEU A 427 27.02 4.64 -13.22
N ASP A 428 27.74 3.59 -13.55
CA ASP A 428 28.40 3.42 -14.84
C ASP A 428 27.60 2.75 -15.95
N GLU A 429 26.42 2.23 -15.61
CA GLU A 429 25.59 1.63 -16.61
C GLU A 429 25.10 2.66 -17.64
N ILE A 430 25.02 2.25 -18.88
CA ILE A 430 24.65 3.14 -20.02
C ILE A 430 23.12 2.93 -20.30
N VAL A 431 22.41 4.05 -20.42
CA VAL A 431 20.98 4.07 -20.65
C VAL A 431 20.66 5.16 -21.68
N PRO A 432 19.73 4.87 -22.60
CA PRO A 432 19.22 5.96 -23.47
C PRO A 432 18.32 6.99 -22.74
N TYR A 433 17.78 7.91 -23.54
CA TYR A 433 16.77 8.85 -23.14
C TYR A 433 15.46 8.57 -23.85
N ALA A 434 14.43 9.33 -23.48
CA ALA A 434 13.08 9.11 -24.07
C ALA A 434 13.02 9.44 -25.56
N SER A 435 13.82 10.40 -25.98
CA SER A 435 13.93 10.68 -27.43
C SER A 435 15.41 10.94 -27.74
N GLY A 436 15.72 10.99 -29.04
CA GLY A 436 17.09 11.24 -29.50
C GLY A 436 17.90 9.94 -29.42
N GLU A 437 19.18 10.07 -29.74
CA GLU A 437 20.09 8.96 -29.92
C GLU A 437 21.11 8.89 -28.81
N LYS A 438 21.06 9.77 -27.82
CA LYS A 438 22.16 9.90 -26.87
C LYS A 438 22.04 8.65 -25.95
N ARG A 439 23.15 8.04 -25.63
CA ARG A 439 23.17 6.97 -24.59
C ARG A 439 24.30 7.39 -23.62
N GLU A 440 23.98 7.50 -22.33
CA GLU A 440 24.86 8.06 -21.36
C GLU A 440 24.78 7.21 -20.06
N THR A 441 25.76 7.40 -19.18
CA THR A 441 25.75 6.65 -17.93
C THR A 441 24.67 7.18 -17.03
N VAL A 442 24.24 6.31 -16.13
CA VAL A 442 23.42 6.68 -15.01
C VAL A 442 23.89 7.96 -14.36
N GLU A 443 25.18 8.00 -14.03
CA GLU A 443 25.76 9.18 -13.38
C GLU A 443 25.47 10.49 -14.23
N GLN A 444 25.65 10.43 -15.53
CA GLN A 444 25.42 11.57 -16.42
C GLN A 444 23.90 11.95 -16.48
N HIS A 445 23.06 10.93 -16.48
CA HIS A 445 21.60 11.15 -16.35
C HIS A 445 21.25 11.87 -15.09
N MET A 446 21.88 11.49 -13.95
CA MET A 446 21.64 12.13 -12.73
C MET A 446 22.08 13.56 -12.72
N HIS A 447 23.28 13.80 -13.28
CA HIS A 447 23.79 15.16 -13.40
C HIS A 447 22.72 16.01 -14.15
N HIS A 448 22.23 15.48 -15.27
CA HIS A 448 21.24 16.22 -16.07
C HIS A 448 19.91 16.48 -15.28
N ALA A 449 19.44 15.51 -14.50
CA ALA A 449 18.35 15.71 -13.54
C ALA A 449 18.55 16.83 -12.60
N MET A 450 19.76 16.91 -12.02
CA MET A 450 20.01 17.94 -11.04
C MET A 450 20.18 19.33 -11.75
N ARG A 451 20.72 19.34 -12.96
CA ARG A 451 20.81 20.61 -13.76
C ARG A 451 19.39 21.05 -14.15
N TRP A 452 18.53 20.09 -14.48
CA TRP A 452 17.12 20.41 -14.68
C TRP A 452 16.54 21.13 -13.49
N LEU A 453 16.63 20.61 -12.27
CA LEU A 453 16.03 21.21 -11.13
C LEU A 453 16.58 22.62 -10.88
N LEU A 454 17.87 22.78 -11.14
CA LEU A 454 18.53 24.15 -11.01
C LEU A 454 17.98 25.17 -12.03
N GLN A 455 17.64 24.71 -13.20
CA GLN A 455 17.21 25.58 -14.29
C GLN A 455 15.67 25.86 -14.16
N ALA A 456 14.92 24.99 -13.51
CA ALA A 456 13.46 25.10 -13.44
C ALA A 456 13.05 26.00 -12.24
N ARG A 457 13.69 27.17 -12.15
CA ARG A 457 13.51 28.02 -11.01
C ARG A 457 13.34 29.48 -11.54
N ASP A 458 12.67 30.27 -10.77
CA ASP A 458 12.32 31.64 -11.26
C ASP A 458 13.47 32.59 -10.93
N GLU A 459 13.24 33.87 -11.15
CA GLU A 459 14.29 34.86 -10.90
C GLU A 459 14.66 35.04 -9.44
N ARG A 460 13.79 34.72 -8.51
CA ARG A 460 14.16 34.68 -7.14
C ARG A 460 14.98 33.45 -6.69
N GLY A 461 15.17 32.49 -7.55
CA GLY A 461 15.88 31.22 -7.23
C GLY A 461 14.93 30.11 -6.66
N LEU A 462 13.61 30.21 -6.88
CA LEU A 462 12.66 29.25 -6.24
C LEU A 462 12.04 28.38 -7.30
N SER A 463 11.74 27.12 -6.96
CA SER A 463 11.28 26.19 -8.01
C SER A 463 9.85 26.40 -8.53
N PHE A 464 9.64 26.41 -9.84
CA PHE A 464 8.26 26.49 -10.40
C PHE A 464 7.44 25.29 -9.95
N ILE A 465 6.15 25.54 -9.69
CA ILE A 465 5.20 24.50 -9.21
C ILE A 465 4.22 24.04 -10.31
N ALA A 466 4.05 24.81 -11.39
CA ALA A 466 3.10 24.48 -12.45
C ALA A 466 1.76 24.05 -11.78
N GLN A 467 1.26 22.88 -12.11
CA GLN A 467 0.00 22.40 -11.56
C GLN A 467 0.19 21.34 -10.50
N GLY A 468 1.33 21.39 -9.82
CA GLY A 468 1.51 20.68 -8.57
C GLY A 468 2.95 20.15 -8.38
N ASP A 469 3.18 19.77 -7.18
CA ASP A 469 4.48 19.14 -6.77
C ASP A 469 4.12 17.82 -6.06
N TRP A 470 4.80 17.41 -4.96
CA TRP A 470 4.41 16.21 -4.23
C TRP A 470 2.92 16.17 -3.90
N CYS A 471 2.33 17.32 -3.56
CA CYS A 471 0.90 17.41 -3.23
C CYS A 471 0.16 17.44 -4.58
N ASP A 472 -0.32 16.27 -5.01
CA ASP A 472 -0.95 16.09 -6.34
C ASP A 472 -2.04 17.12 -6.68
N PRO A 473 -2.95 17.38 -5.78
CA PRO A 473 -4.06 18.31 -6.11
C PRO A 473 -3.76 19.76 -5.82
N MET A 474 -2.50 20.10 -5.57
CA MET A 474 -2.16 21.55 -5.36
C MET A 474 -1.89 22.19 -6.70
N ASN A 475 -2.95 22.50 -7.47
CA ASN A 475 -2.82 22.75 -8.88
C ASN A 475 -3.00 24.24 -9.39
N MET A 476 -3.35 25.13 -8.52
CA MET A 476 -3.67 26.53 -8.86
C MET A 476 -2.68 27.57 -8.29
N VAL A 477 -1.60 27.10 -7.67
CA VAL A 477 -0.54 27.98 -7.19
C VAL A 477 0.26 28.52 -8.37
N GLY A 478 0.52 27.67 -9.38
CA GLY A 478 1.44 28.04 -10.44
C GLY A 478 0.99 27.77 -11.79
N TYR A 479 -0.35 27.53 -11.95
CA TYR A 479 -0.87 27.18 -13.25
C TYR A 479 -0.74 28.23 -14.35
N LYS A 480 -0.55 29.49 -13.94
CA LYS A 480 -0.28 30.58 -14.91
C LYS A 480 1.19 30.76 -15.23
N GLY A 481 2.08 29.92 -14.68
CA GLY A 481 3.49 29.94 -15.08
C GLY A 481 4.48 30.72 -14.24
N LYS A 482 4.05 31.37 -13.16
CA LYS A 482 4.89 32.14 -12.27
C LYS A 482 4.99 31.59 -10.87
N GLY A 483 3.98 30.85 -10.38
CA GLY A 483 3.97 30.37 -9.01
C GLY A 483 5.07 29.32 -8.71
N VAL A 484 5.55 29.40 -7.50
CA VAL A 484 6.63 28.58 -7.06
C VAL A 484 6.30 27.81 -5.81
N SER A 485 7.10 26.75 -5.58
CA SER A 485 6.87 25.87 -4.44
C SER A 485 8.00 26.00 -3.41
N GLY A 486 7.56 26.19 -2.16
CA GLY A 486 8.31 26.20 -0.97
C GLY A 486 8.86 24.82 -0.75
N TRP A 487 8.02 23.81 -0.77
CA TRP A 487 8.50 22.42 -0.56
C TRP A 487 9.49 22.00 -1.61
N LEU A 488 9.24 22.28 -2.89
CA LEU A 488 10.11 21.80 -3.92
C LEU A 488 11.49 22.46 -3.86
N SER A 489 11.49 23.72 -3.51
CA SER A 489 12.77 24.43 -3.22
C SER A 489 13.58 23.71 -2.17
N VAL A 490 13.05 23.51 -0.97
CA VAL A 490 13.85 22.98 0.09
C VAL A 490 14.19 21.54 -0.18
N ALA A 491 13.28 20.81 -0.88
CA ALA A 491 13.69 19.47 -1.34
C ALA A 491 14.74 19.42 -2.36
N THR A 492 14.72 20.35 -3.31
CA THR A 492 15.73 20.38 -4.33
C THR A 492 17.15 20.59 -3.61
N ALA A 493 17.18 21.44 -2.65
CA ALA A 493 18.48 21.67 -1.88
C ALA A 493 18.98 20.36 -1.25
N TYR A 494 18.06 19.56 -0.70
CA TYR A 494 18.41 18.24 -0.18
C TYR A 494 18.95 17.35 -1.25
N ALA A 495 18.21 17.21 -2.34
CA ALA A 495 18.60 16.38 -3.39
C ALA A 495 20.02 16.77 -3.90
N LEU A 496 20.26 18.07 -4.06
CA LEU A 496 21.54 18.54 -4.63
C LEU A 496 22.71 18.25 -3.59
N ASN A 497 22.44 18.44 -2.32
CA ASN A 497 23.44 18.14 -1.29
C ASN A 497 23.80 16.63 -1.32
N LEU A 498 22.78 15.78 -1.35
CA LEU A 498 23.02 14.33 -1.46
C LEU A 498 23.78 13.98 -2.67
N TRP A 499 23.35 14.44 -3.86
CA TRP A 499 24.02 14.05 -5.08
C TRP A 499 25.47 14.58 -5.06
N ALA A 500 25.66 15.78 -4.50
CA ALA A 500 27.03 16.33 -4.45
C ALA A 500 27.98 15.37 -3.62
N ASP A 501 27.46 14.79 -2.55
CA ASP A 501 28.22 13.82 -1.75
C ASP A 501 28.61 12.62 -2.58
N VAL A 502 27.67 12.15 -3.40
CA VAL A 502 27.94 11.05 -4.27
C VAL A 502 29.01 11.40 -5.25
N CYS A 503 28.93 12.57 -5.86
CA CYS A 503 29.92 13.01 -6.84
C CYS A 503 31.33 13.06 -6.15
N GLU A 504 31.36 13.54 -4.93
CA GLU A 504 32.66 13.61 -4.21
C GLU A 504 33.23 12.14 -3.99
N GLN A 505 32.36 11.21 -3.61
CA GLN A 505 32.72 9.79 -3.44
C GLN A 505 33.25 9.18 -4.78
N ARG A 506 32.77 9.69 -5.91
CA ARG A 506 33.16 9.23 -7.25
C ARG A 506 34.24 10.11 -7.91
N GLN A 507 34.87 11.06 -7.20
CA GLN A 507 35.88 11.97 -7.78
C GLN A 507 35.43 12.92 -8.86
N GLN A 508 34.12 13.25 -8.86
CA GLN A 508 33.55 14.16 -9.84
C GLN A 508 33.42 15.52 -9.08
N ASN A 509 34.55 16.23 -8.91
CA ASN A 509 34.59 17.37 -7.98
C ASN A 509 33.99 18.66 -8.50
N SER A 510 34.02 18.84 -9.79
CA SER A 510 33.39 20.01 -10.40
C SER A 510 31.82 19.91 -10.16
N CYS A 511 31.31 18.68 -10.33
CA CYS A 511 29.89 18.41 -10.11
C CYS A 511 29.56 18.65 -8.67
N ALA A 512 30.38 18.17 -7.74
CA ALA A 512 30.11 18.36 -6.36
C ALA A 512 30.06 19.86 -5.99
N ASN A 513 31.00 20.65 -6.50
CA ASN A 513 30.98 22.11 -6.23
C ASN A 513 29.76 22.80 -6.82
N GLU A 514 29.44 22.49 -8.08
CA GLU A 514 28.24 23.09 -8.73
C GLU A 514 26.98 22.83 -7.92
N PHE A 515 26.79 21.60 -7.46
CA PHE A 515 25.44 21.21 -6.84
C PHE A 515 25.42 21.69 -5.44
N ARG A 516 26.56 21.70 -4.76
CA ARG A 516 26.60 22.30 -3.47
C ARG A 516 26.31 23.81 -3.43
N GLN A 517 26.83 24.49 -4.42
CA GLN A 517 26.59 25.93 -4.48
C GLN A 517 25.09 26.22 -4.86
N GLY A 518 24.55 25.37 -5.72
CA GLY A 518 23.10 25.41 -6.07
C GLY A 518 22.23 25.25 -4.87
N ALA A 519 22.56 24.28 -4.03
CA ALA A 519 21.83 24.13 -2.76
C ALA A 519 21.91 25.33 -1.85
N LYS A 520 23.10 25.92 -1.70
CA LYS A 520 23.24 27.13 -0.90
C LYS A 520 22.42 28.26 -1.47
N ASP A 521 22.46 28.43 -2.76
CA ASP A 521 21.69 29.48 -3.44
C ASP A 521 20.19 29.32 -3.19
N ILE A 522 19.72 28.07 -3.34
CA ILE A 522 18.29 27.82 -3.05
C ILE A 522 17.88 28.04 -1.65
N ASN A 523 18.67 27.60 -0.69
CA ASN A 523 18.38 27.77 0.67
C ASN A 523 18.35 29.25 1.05
N ALA A 524 19.21 30.01 0.41
CA ALA A 524 19.29 31.48 0.70
C ALA A 524 17.97 32.13 0.20
N ALA A 525 17.52 31.69 -0.99
CA ALA A 525 16.25 32.19 -1.61
C ALA A 525 15.06 31.79 -0.75
N VAL A 526 15.08 30.54 -0.25
CA VAL A 526 14.08 30.11 0.72
C VAL A 526 14.03 30.97 1.98
N ASN A 527 15.20 31.21 2.54
CA ASN A 527 15.21 31.98 3.76
C ASN A 527 14.72 33.44 3.51
N LYS A 528 14.97 33.96 2.34
CA LYS A 528 14.60 35.33 2.03
C LYS A 528 13.10 35.47 1.72
N HIS A 529 12.51 34.49 1.06
CA HIS A 529 11.16 34.64 0.50
C HIS A 529 10.14 33.71 1.08
N ILE A 530 10.55 32.57 1.67
CA ILE A 530 9.55 31.53 2.13
C ILE A 530 9.43 31.42 3.61
N TRP A 531 10.53 31.66 4.35
CA TRP A 531 10.47 31.65 5.78
C TRP A 531 9.53 32.73 6.31
N ASP A 532 8.65 32.38 7.23
CA ASP A 532 7.53 33.23 7.61
C ASP A 532 7.68 33.63 9.05
N GLY A 533 8.82 33.36 9.68
CA GLY A 533 9.15 33.78 11.04
C GLY A 533 9.21 32.74 12.10
N GLU A 534 8.26 31.79 12.07
CA GLU A 534 8.22 30.68 12.96
C GLU A 534 8.18 29.29 12.25
N TRP A 535 7.96 29.30 10.91
CA TRP A 535 7.98 28.13 10.08
C TRP A 535 8.11 28.55 8.66
N PHE A 536 8.33 27.58 7.76
CA PHE A 536 8.45 27.89 6.35
C PHE A 536 7.07 27.87 5.67
N GLY A 537 6.84 28.84 4.83
CA GLY A 537 5.60 28.87 4.01
C GLY A 537 5.59 27.72 2.99
N ARG A 538 4.47 27.59 2.28
CA ARG A 538 4.31 26.46 1.35
C ARG A 538 4.60 26.76 -0.07
N GLY A 539 4.41 28.01 -0.45
CA GLY A 539 4.61 28.39 -1.82
C GLY A 539 4.24 29.89 -2.02
N ILE A 540 4.51 30.38 -3.22
CA ILE A 540 4.13 31.72 -3.59
C ILE A 540 3.34 31.59 -4.87
N THR A 541 2.12 32.15 -4.85
CA THR A 541 1.22 32.09 -6.05
C THR A 541 1.69 32.81 -7.25
N ASP A 542 0.99 32.59 -8.36
CA ASP A 542 1.23 33.28 -9.60
C ASP A 542 1.18 34.82 -9.43
N ASP A 543 0.35 35.28 -8.50
CA ASP A 543 0.22 36.76 -8.24
C ASP A 543 1.07 37.25 -7.07
N GLY A 544 2.05 36.44 -6.62
CA GLY A 544 3.04 36.85 -5.60
C GLY A 544 2.68 36.71 -4.19
N VAL A 545 1.63 35.94 -3.88
CA VAL A 545 1.22 35.74 -2.51
C VAL A 545 1.83 34.49 -1.82
N LEU A 546 2.44 34.66 -0.65
CA LEU A 546 3.01 33.57 0.16
C LEU A 546 1.89 33.00 0.98
N PHE A 547 1.69 31.66 0.90
CA PHE A 547 0.65 30.96 1.67
C PHE A 547 1.31 29.88 2.54
N GLY A 548 0.52 29.30 3.43
CA GLY A 548 1.01 28.46 4.47
C GLY A 548 1.72 29.28 5.49
N THR A 549 1.15 30.46 5.81
CA THR A 549 1.75 31.42 6.79
C THR A 549 0.84 31.74 7.95
N SER A 550 1.37 32.46 8.95
CA SER A 550 0.63 32.77 10.16
C SER A 550 -0.55 33.70 9.76
N LYS A 551 -0.52 34.37 8.61
CA LYS A 551 -1.65 35.28 8.20
C LYS A 551 -2.82 34.52 7.55
N ASP A 552 -2.63 33.22 7.27
CA ASP A 552 -3.69 32.37 6.66
C ASP A 552 -4.49 31.69 7.75
N LYS A 553 -5.81 31.83 7.67
CA LYS A 553 -6.60 31.18 8.67
C LYS A 553 -6.69 29.64 8.51
N GLU A 554 -7.00 29.20 7.30
CA GLU A 554 -6.91 27.79 6.94
C GLU A 554 -5.58 27.57 6.16
N GLY A 555 -4.99 26.39 6.33
CA GLY A 555 -3.72 26.13 5.75
C GLY A 555 -2.62 27.04 6.28
N ARG A 556 -2.66 27.21 7.57
CA ARG A 556 -1.77 28.12 8.29
C ARG A 556 -0.35 27.59 8.38
N ILE A 557 -0.21 26.27 8.48
CA ILE A 557 1.14 25.61 8.44
C ILE A 557 0.98 24.24 7.71
N PHE A 558 1.90 24.02 6.79
CA PHE A 558 2.07 22.72 6.13
C PHE A 558 3.30 22.00 6.72
N LEU A 559 3.21 20.67 6.84
CA LEU A 559 4.27 19.84 7.42
C LEU A 559 5.50 19.79 6.49
N ASN A 560 5.27 19.54 5.21
CA ASN A 560 6.34 19.21 4.29
C ASN A 560 7.46 20.22 4.18
N PRO A 561 7.14 21.52 4.10
CA PRO A 561 8.27 22.50 4.03
C PRO A 561 9.16 22.43 5.26
N GLN A 562 8.61 22.05 6.40
CA GLN A 562 9.38 22.02 7.60
C GLN A 562 10.37 20.78 7.58
N SER A 563 9.82 19.58 7.35
CA SER A 563 10.67 18.38 7.16
C SER A 563 11.77 18.54 6.21
N TRP A 564 11.48 19.07 5.03
CA TRP A 564 12.43 19.11 4.01
C TRP A 564 13.43 20.29 4.19
N ALA A 565 12.99 21.30 4.90
CA ALA A 565 13.94 22.42 5.27
C ALA A 565 15.00 21.89 6.26
N ILE A 566 14.57 21.00 7.13
CA ILE A 566 15.50 20.30 8.03
C ILE A 566 16.46 19.47 7.22
N LEU A 567 15.95 18.62 6.35
CA LEU A 567 16.81 17.75 5.58
C LEU A 567 17.75 18.49 4.63
N GLY A 568 17.30 19.55 3.98
CA GLY A 568 18.08 20.17 2.96
C GLY A 568 18.98 21.34 3.42
N GLY A 569 18.85 21.70 4.66
CA GLY A 569 19.67 22.72 5.30
C GLY A 569 19.14 24.12 5.33
N ALA A 570 17.96 24.36 4.78
CA ALA A 570 17.36 25.74 4.97
C ALA A 570 17.07 26.10 6.41
N ALA A 571 16.69 25.11 7.21
CA ALA A 571 16.51 25.26 8.60
C ALA A 571 17.85 25.07 9.34
N ASP A 572 18.34 26.17 9.88
CA ASP A 572 19.54 26.15 10.72
C ASP A 572 19.16 25.87 12.13
N GLU A 573 20.15 25.81 13.01
CA GLU A 573 19.95 25.42 14.41
C GLU A 573 19.03 26.33 15.25
N GLN A 574 18.99 27.60 14.89
CA GLN A 574 18.06 28.58 15.49
C GLN A 574 16.60 28.37 15.05
N LYS A 575 16.40 28.09 13.76
CA LYS A 575 15.03 27.82 13.21
C LYS A 575 14.41 26.49 13.67
N ILE A 576 15.22 25.43 13.84
CA ILE A 576 14.70 24.10 14.15
C ILE A 576 13.77 24.01 15.31
N PRO A 577 14.12 24.61 16.47
CA PRO A 577 13.15 24.51 17.59
C PRO A 577 11.81 25.23 17.34
N CYS A 578 11.83 26.27 16.51
CA CYS A 578 10.57 26.99 16.11
C CYS A 578 9.67 25.99 15.33
N LEU A 579 10.32 25.28 14.37
CA LEU A 579 9.66 24.23 13.58
C LEU A 579 9.07 23.19 14.47
N LEU A 580 9.84 22.61 15.37
CA LEU A 580 9.31 21.59 16.19
C LEU A 580 8.14 21.99 17.02
N ASP A 581 8.21 23.18 17.60
CA ASP A 581 7.12 23.62 18.45
C ASP A 581 5.83 23.99 17.66
N ALA A 582 6.01 24.60 16.52
CA ALA A 582 4.87 24.92 15.63
C ALA A 582 4.12 23.62 15.14
N VAL A 583 4.93 22.61 14.78
CA VAL A 583 4.36 21.31 14.42
C VAL A 583 3.63 20.70 15.58
N GLU A 584 4.22 20.69 16.78
CA GLU A 584 3.54 20.13 17.90
C GLU A 584 2.25 20.89 18.25
N GLN A 585 2.31 22.21 18.18
CA GLN A 585 1.16 22.97 18.58
C GLN A 585 -0.01 22.86 17.60
N GLN A 586 0.29 22.77 16.32
CA GLN A 586 -0.74 22.96 15.26
C GLN A 586 -1.09 21.67 14.50
N LEU A 587 -0.14 20.73 14.44
CA LEU A 587 -0.26 19.53 13.56
C LEU A 587 -0.31 18.18 14.26
N GLU A 588 0.38 17.97 15.40
CA GLU A 588 0.35 16.71 16.10
C GLU A 588 -0.98 16.36 16.66
N THR A 589 -1.38 15.09 16.52
CA THR A 589 -2.56 14.53 17.08
C THR A 589 -2.29 13.17 17.67
N PRO A 590 -3.24 12.60 18.40
CA PRO A 590 -3.06 11.26 18.91
C PRO A 590 -2.97 10.19 17.83
N TYR A 591 -3.38 10.50 16.62
CA TYR A 591 -3.37 9.48 15.57
C TYR A 591 -2.20 9.70 14.65
N GLY A 592 -1.30 10.70 14.96
CA GLY A 592 -0.19 11.08 14.11
C GLY A 592 -0.27 12.51 13.71
N VAL A 593 0.73 12.93 12.92
CA VAL A 593 0.87 14.35 12.57
C VAL A 593 0.12 14.68 11.26
N MET A 594 -0.67 15.73 11.28
CA MET A 594 -1.44 16.15 10.15
C MET A 594 -0.51 16.81 9.13
N MET A 595 -0.90 16.78 7.85
CA MET A 595 0.00 17.39 6.86
C MET A 595 -0.19 18.89 6.72
N LEU A 596 -1.34 19.39 7.20
CA LEU A 596 -1.63 20.85 7.17
C LEU A 596 -2.71 21.09 8.12
N ALA A 597 -2.82 22.35 8.57
CA ALA A 597 -3.87 22.66 9.56
C ALA A 597 -3.99 24.18 9.64
N PRO A 598 -5.15 24.68 10.05
CA PRO A 598 -6.46 23.97 9.96
C PRO A 598 -6.75 23.57 8.51
N ALA A 599 -7.55 22.52 8.35
CA ALA A 599 -7.97 22.13 6.99
C ALA A 599 -8.84 23.16 6.34
N PHE A 600 -8.74 23.19 5.03
CA PHE A 600 -9.53 24.06 4.19
C PHE A 600 -11.00 23.63 4.25
N THR A 601 -11.88 24.63 4.32
CA THR A 601 -13.33 24.32 4.31
C THR A 601 -14.03 24.85 3.05
N ALA A 602 -13.31 25.51 2.14
CA ALA A 602 -13.83 26.04 0.89
C ALA A 602 -12.73 26.24 -0.04
N MET A 603 -13.04 26.30 -1.31
CA MET A 603 -12.06 26.57 -2.32
C MET A 603 -11.25 27.84 -2.09
N ARG A 604 -9.95 27.71 -2.15
CA ARG A 604 -8.99 28.86 -2.29
C ARG A 604 -8.29 28.74 -3.63
N ASP A 605 -8.76 29.49 -4.63
CA ASP A 605 -8.37 29.26 -5.99
C ASP A 605 -7.03 29.77 -6.49
N ASP A 606 -6.18 30.26 -5.57
CA ASP A 606 -4.79 30.46 -5.90
C ASP A 606 -3.94 29.34 -5.19
N VAL A 607 -4.59 28.29 -4.67
CA VAL A 607 -3.93 27.09 -4.13
C VAL A 607 -4.47 25.83 -4.85
N GLY A 608 -5.82 25.69 -4.85
CA GLY A 608 -6.47 24.83 -5.82
C GLY A 608 -7.27 23.67 -5.23
N ARG A 609 -7.32 22.60 -6.02
CA ARG A 609 -8.19 21.49 -5.78
C ARG A 609 -8.05 20.82 -4.41
N VAL A 610 -6.82 20.79 -3.91
CA VAL A 610 -6.59 20.36 -2.53
C VAL A 610 -7.54 20.99 -1.52
N THR A 611 -7.82 22.29 -1.72
CA THR A 611 -8.68 22.97 -0.78
C THR A 611 -10.14 22.59 -0.84
N GLN A 612 -10.52 21.80 -1.85
CA GLN A 612 -11.89 21.34 -2.05
C GLN A 612 -12.15 19.98 -1.56
N LYS A 613 -11.14 19.22 -1.18
CA LYS A 613 -11.42 17.95 -0.51
C LYS A 613 -12.02 18.13 0.90
N PHE A 614 -12.75 17.10 1.37
CA PHE A 614 -13.42 17.25 2.64
C PHE A 614 -12.30 17.52 3.71
N PRO A 615 -12.51 18.50 4.60
CA PRO A 615 -11.42 18.83 5.62
C PRO A 615 -11.11 17.60 6.44
N GLY A 616 -9.87 17.17 6.40
CA GLY A 616 -9.46 16.03 7.21
C GLY A 616 -9.14 14.77 6.34
N SER A 617 -9.61 14.80 5.10
CA SER A 617 -9.46 13.71 4.14
C SER A 617 -8.36 13.98 3.22
N ALA A 618 -7.53 12.94 3.02
CA ALA A 618 -6.44 12.98 2.05
C ALA A 618 -5.53 14.20 2.22
N GLU A 619 -5.18 14.89 1.17
CA GLU A 619 -4.21 15.96 1.28
C GLU A 619 -4.73 17.19 2.01
N ASN A 620 -6.07 17.30 2.17
CA ASN A 620 -6.66 18.41 2.93
C ASN A 620 -6.64 18.18 4.43
N GLY A 621 -5.43 18.11 4.96
CA GLY A 621 -5.30 18.05 6.37
C GLY A 621 -5.51 16.74 7.06
N SER A 622 -5.42 15.61 6.36
CA SER A 622 -5.42 14.31 7.05
C SER A 622 -4.10 14.08 7.77
N VAL A 623 -4.12 13.08 8.62
CA VAL A 623 -2.83 12.40 8.97
C VAL A 623 -2.42 11.60 7.79
N TYR A 624 -1.69 12.27 6.89
CA TYR A 624 -1.35 11.70 5.59
C TYR A 624 0.00 11.00 5.87
N ASN A 625 -0.02 9.66 5.96
CA ASN A 625 1.13 8.97 6.58
C ASN A 625 2.46 9.22 5.86
N HIS A 626 2.44 9.40 4.55
CA HIS A 626 3.65 9.63 3.85
C HIS A 626 4.31 10.99 4.14
N ALA A 627 3.50 12.01 4.40
CA ALA A 627 4.04 13.26 4.87
C ALA A 627 4.55 13.08 6.29
N ALA A 628 3.82 12.35 7.13
CA ALA A 628 4.24 12.17 8.46
C ALA A 628 5.62 11.46 8.52
N VAL A 629 5.83 10.45 7.70
CA VAL A 629 7.12 9.71 7.75
C VAL A 629 8.28 10.54 7.18
N PHE A 630 8.04 11.45 6.25
CA PHE A 630 9.12 12.40 5.90
C PHE A 630 9.56 13.25 7.14
N TYR A 631 8.60 13.65 7.98
CA TYR A 631 8.91 14.41 9.20
C TYR A 631 9.68 13.55 10.19
N ILE A 632 9.26 12.32 10.37
CA ILE A 632 10.00 11.33 11.16
C ILE A 632 11.41 11.13 10.66
N PHE A 633 11.60 10.97 9.36
CA PHE A 633 12.94 10.85 8.80
C PHE A 633 13.78 12.10 9.06
N SER A 634 13.16 13.29 8.93
CA SER A 634 13.85 14.58 9.25
C SER A 634 14.24 14.61 10.72
N LEU A 635 13.38 14.16 11.63
CA LEU A 635 13.65 14.19 13.08
C LEU A 635 14.84 13.27 13.39
N LEU A 636 14.84 12.09 12.75
CA LEU A 636 16.00 11.15 12.87
C LEU A 636 17.30 11.79 12.39
N SER A 637 17.22 12.61 11.35
CA SER A 637 18.39 13.20 10.75
C SER A 637 19.09 14.21 11.71
N ILE A 638 18.36 14.74 12.68
CA ILE A 638 18.91 15.71 13.69
C ILE A 638 18.92 15.12 15.10
N GLY A 639 18.76 13.81 15.22
CA GLY A 639 18.82 13.12 16.51
C GLY A 639 17.73 13.42 17.46
N GLU A 640 16.58 13.81 16.95
CA GLU A 640 15.39 13.99 17.77
C GLU A 640 14.68 12.64 17.95
N SER A 641 15.31 11.73 18.72
CA SER A 641 14.97 10.35 18.76
C SER A 641 13.64 10.06 19.40
N GLU A 642 13.38 10.70 20.53
CA GLU A 642 12.12 10.44 21.20
C GLU A 642 10.87 10.94 20.36
N ARG A 643 11.01 12.10 19.77
CA ARG A 643 9.92 12.70 18.98
C ARG A 643 9.69 11.79 17.72
N ALA A 644 10.78 11.36 17.07
CA ALA A 644 10.70 10.48 15.88
C ALA A 644 9.97 9.20 16.23
N TYR A 645 10.35 8.55 17.34
CA TYR A 645 9.75 7.28 17.65
C TYR A 645 8.28 7.51 17.99
N LYS A 646 7.96 8.53 18.82
CA LYS A 646 6.60 8.69 19.29
C LYS A 646 5.64 8.83 18.04
N LEU A 647 6.04 9.64 17.10
CA LEU A 647 5.23 9.88 15.88
C LEU A 647 5.16 8.64 14.96
N LEU A 648 6.27 7.87 14.85
CA LEU A 648 6.25 6.61 14.09
C LEU A 648 5.32 5.62 14.68
N ARG A 649 5.34 5.50 16.03
CA ARG A 649 4.52 4.52 16.70
C ARG A 649 3.03 4.87 16.61
N GLN A 650 2.70 6.14 16.52
CA GLN A 650 1.30 6.55 16.35
C GLN A 650 0.71 6.05 14.99
N MET A 651 1.54 5.69 14.03
CA MET A 651 1.08 5.18 12.79
C MET A 651 0.52 3.75 12.86
N LEU A 652 0.78 3.04 13.98
CA LEU A 652 0.29 1.71 14.19
C LEU A 652 -0.89 1.73 15.17
N PRO A 653 -2.09 1.29 14.73
CA PRO A 653 -3.22 1.30 15.65
C PRO A 653 -3.02 0.25 16.81
N GLY A 654 -3.60 0.53 17.94
CA GLY A 654 -3.61 -0.37 19.08
C GLY A 654 -2.33 -0.24 19.89
N PRO A 655 -2.32 -0.84 21.08
CA PRO A 655 -3.36 -1.76 21.59
C PRO A 655 -4.56 -1.14 22.33
N ASP A 656 -4.56 0.15 22.50
CA ASP A 656 -5.63 0.83 23.19
C ASP A 656 -6.94 0.52 22.46
N GLU A 657 -8.01 0.11 23.16
CA GLU A 657 -9.25 -0.41 22.52
C GLU A 657 -9.98 0.75 21.83
N ALA A 658 -10.03 1.93 22.44
CA ALA A 658 -10.78 3.06 21.87
C ALA A 658 -10.08 3.46 20.58
N ASP A 659 -8.76 3.42 20.59
CA ASP A 659 -7.97 3.73 19.36
C ASP A 659 -8.29 2.73 18.25
N LEU A 660 -8.21 1.45 18.57
CA LEU A 660 -8.57 0.42 17.62
C LEU A 660 -9.98 0.61 17.04
N LEU A 661 -10.98 0.87 17.90
CA LEU A 661 -12.34 1.05 17.39
C LEU A 661 -12.48 2.31 16.53
N GLN A 662 -11.75 3.38 16.91
CA GLN A 662 -11.88 4.62 16.20
C GLN A 662 -11.20 4.60 14.82
N ARG A 663 -10.04 3.99 14.71
CA ARG A 663 -9.37 3.91 13.41
C ARG A 663 -10.08 2.91 12.53
N GLY A 664 -10.61 1.87 13.11
CA GLY A 664 -11.49 0.93 12.36
C GLY A 664 -10.71 -0.05 11.46
N GLN A 665 -9.42 -0.20 11.65
CA GLN A 665 -8.66 -1.08 10.78
C GLN A 665 -7.90 -2.21 11.50
N LEU A 666 -7.72 -3.33 10.82
CA LEU A 666 -6.82 -4.33 11.33
C LEU A 666 -5.41 -3.76 11.30
N PRO A 667 -4.53 -4.10 12.28
CA PRO A 667 -3.16 -3.60 12.28
C PRO A 667 -2.23 -4.44 11.40
N VAL A 668 -2.59 -4.64 10.12
CA VAL A 668 -1.80 -5.48 9.23
C VAL A 668 -1.29 -4.69 8.05
N PHE A 669 -1.47 -3.36 8.09
CA PHE A 669 -0.95 -2.44 7.09
C PHE A 669 -1.03 -1.03 7.67
N ILE A 670 -0.27 -0.13 7.07
CA ILE A 670 -0.41 1.28 7.25
C ILE A 670 -1.19 1.87 6.07
N PRO A 671 -2.29 2.55 6.37
CA PRO A 671 -3.11 3.19 5.30
C PRO A 671 -2.49 4.42 4.76
N ASN A 672 -2.94 4.90 3.61
CA ASN A 672 -2.44 6.19 3.15
C ASN A 672 -2.77 7.36 4.05
N TYR A 673 -3.81 7.24 4.85
CA TYR A 673 -4.16 8.29 5.81
C TYR A 673 -5.02 7.83 6.91
N TYR A 674 -4.95 8.51 8.06
CA TYR A 674 -5.94 8.48 9.08
C TYR A 674 -6.59 9.89 9.07
N ARG A 675 -7.89 9.94 9.27
CA ARG A 675 -8.61 11.21 9.10
C ARG A 675 -7.99 12.29 10.11
N GLY A 676 -7.77 13.44 9.54
CA GLY A 676 -7.27 14.58 10.25
C GLY A 676 -8.32 15.58 10.68
N ALA A 677 -7.96 16.84 10.52
CA ALA A 677 -8.86 17.95 10.96
C ALA A 677 -9.36 17.64 12.41
N TYR A 678 -8.37 17.29 13.25
CA TYR A 678 -8.58 16.83 14.54
C TYR A 678 -9.26 17.90 15.42
N TYR A 679 -8.90 19.13 15.21
CA TYR A 679 -9.52 20.21 15.97
C TYR A 679 -10.90 20.60 15.45
N GLN A 680 -11.07 20.57 14.14
CA GLN A 680 -12.30 21.02 13.51
C GLN A 680 -13.40 19.95 13.56
N HIS A 681 -13.04 18.68 13.42
CA HIS A 681 -14.01 17.57 13.36
C HIS A 681 -13.55 16.41 14.19
N PRO A 682 -13.70 16.55 15.51
CA PRO A 682 -13.09 15.51 16.30
C PRO A 682 -13.77 14.15 16.22
N ARG A 683 -15.07 14.06 15.90
CA ARG A 683 -15.78 12.77 15.92
C ARG A 683 -15.13 11.71 14.97
N THR A 684 -14.69 12.15 13.79
CA THR A 684 -14.15 11.28 12.75
C THR A 684 -12.62 11.17 12.71
N ALA A 685 -11.93 12.00 13.55
CA ALA A 685 -10.51 12.02 13.48
C ALA A 685 -9.95 10.65 13.84
N GLY A 686 -8.91 10.25 13.12
CA GLY A 686 -8.27 8.97 13.22
C GLY A 686 -8.79 7.85 12.31
N ARG A 687 -9.99 8.01 11.76
CA ARG A 687 -10.58 6.97 10.94
C ARG A 687 -9.61 6.60 9.76
N SER A 688 -9.37 5.30 9.58
CA SER A 688 -8.49 4.79 8.53
C SER A 688 -9.11 4.92 7.13
N SER A 689 -8.30 5.38 6.19
CA SER A 689 -8.74 5.32 4.77
C SER A 689 -8.95 3.92 4.29
N GLN A 690 -8.39 2.90 4.95
CA GLN A 690 -8.35 1.53 4.52
C GLN A 690 -7.61 1.28 3.21
N LEU A 691 -6.82 2.25 2.77
CA LEU A 691 -6.11 2.13 1.46
C LEU A 691 -4.66 1.68 1.71
N PHE A 692 -4.41 0.47 1.27
CA PHE A 692 -3.07 -0.14 1.46
C PHE A 692 -2.02 0.31 0.46
N ASN A 693 -2.45 1.00 -0.62
CA ASN A 693 -1.49 1.62 -1.57
C ASN A 693 -0.97 2.93 -1.00
N THR A 694 0.28 2.95 -0.59
CA THR A 694 0.92 4.13 -0.07
C THR A 694 2.50 4.00 -0.10
N GLY A 695 3.18 5.09 -0.44
CA GLY A 695 4.61 5.19 -0.47
C GLY A 695 5.13 5.36 0.95
N THR A 696 4.27 5.44 1.94
CA THR A 696 4.68 5.54 3.32
C THR A 696 5.63 4.41 3.75
N VAL A 697 5.24 3.19 3.38
CA VAL A 697 5.90 1.99 3.98
C VAL A 697 7.34 1.81 3.60
N SER A 698 7.82 2.24 2.41
CA SER A 698 9.21 2.09 2.13
C SER A 698 10.03 2.98 3.06
N TRP A 699 9.46 4.15 3.38
CA TRP A 699 10.12 5.13 4.30
C TRP A 699 10.01 4.65 5.73
N VAL A 700 8.92 4.10 6.15
CA VAL A 700 8.81 3.62 7.53
C VAL A 700 9.87 2.51 7.77
N TYR A 701 10.01 1.65 6.79
CA TYR A 701 10.97 0.49 6.89
C TYR A 701 12.39 1.04 6.91
N ARG A 702 12.69 2.00 6.02
CA ARG A 702 13.96 2.67 6.08
C ARG A 702 14.23 3.31 7.45
N CYS A 703 13.27 4.07 7.97
CA CYS A 703 13.45 4.76 9.25
C CYS A 703 13.74 3.76 10.40
N LEU A 704 13.07 2.64 10.40
CA LEU A 704 13.27 1.65 11.43
C LEU A 704 14.68 0.99 11.31
N ILE A 705 15.07 0.59 10.09
CA ILE A 705 16.29 -0.14 9.86
C ILE A 705 17.49 0.77 10.12
N GLU A 706 17.49 1.96 9.48
CA GLU A 706 18.65 2.83 9.50
C GLU A 706 18.64 3.79 10.66
N GLY A 707 17.48 4.09 11.21
CA GLY A 707 17.29 5.23 12.09
C GLY A 707 17.07 4.82 13.55
N VAL A 708 16.00 4.09 13.79
CA VAL A 708 15.62 3.69 15.09
C VAL A 708 16.58 2.58 15.56
N PHE A 709 16.67 1.49 14.79
CA PHE A 709 17.62 0.41 15.14
C PHE A 709 19.02 0.77 14.76
N GLY A 710 19.17 1.71 13.83
CA GLY A 710 20.44 2.26 13.49
C GLY A 710 21.44 1.31 12.92
N LEU A 711 21.01 0.47 11.98
CA LEU A 711 21.89 -0.45 11.34
C LEU A 711 21.97 -0.12 9.87
N LYS A 712 22.87 0.79 9.56
CA LYS A 712 22.90 1.49 8.25
C LYS A 712 24.12 1.21 7.47
N GLY A 713 23.94 0.93 6.18
CA GLY A 713 25.08 0.73 5.35
C GLY A 713 25.91 1.95 5.00
N SER A 714 27.20 1.74 4.72
CA SER A 714 28.14 2.74 4.19
C SER A 714 29.18 2.08 3.33
N PRO A 715 30.02 2.87 2.67
CA PRO A 715 31.07 2.22 1.83
C PRO A 715 32.09 1.40 2.66
N GLN A 716 32.12 1.62 3.95
CA GLN A 716 32.97 0.78 4.87
C GLN A 716 32.33 -0.45 5.46
N GLY A 717 31.00 -0.55 5.49
CA GLY A 717 30.35 -1.69 6.07
C GLY A 717 29.09 -1.30 6.77
N LEU A 718 28.84 -1.86 7.97
CA LEU A 718 27.60 -1.59 8.73
C LEU A 718 27.85 -0.62 9.85
N VAL A 719 27.19 0.55 9.77
CA VAL A 719 27.34 1.62 10.75
C VAL A 719 26.29 1.42 11.82
N VAL A 720 26.68 1.42 13.06
CA VAL A 720 25.77 1.18 14.18
C VAL A 720 25.50 2.50 14.85
N GLN A 721 24.26 2.99 14.78
CA GLN A 721 23.87 4.36 15.18
C GLN A 721 22.42 4.42 15.70
N PRO A 722 22.06 3.58 16.68
CA PRO A 722 20.66 3.47 17.17
C PRO A 722 20.14 4.72 17.85
N GLN A 723 18.85 4.94 17.68
CA GLN A 723 18.03 5.94 18.33
C GLN A 723 16.83 5.25 18.92
N LEU A 724 17.09 4.42 19.91
CA LEU A 724 16.04 3.69 20.55
C LEU A 724 15.31 4.59 21.48
N PRO A 725 14.00 4.41 21.65
CA PRO A 725 13.37 5.24 22.70
C PRO A 725 13.88 4.82 24.12
N VAL A 726 14.02 5.84 24.99
CA VAL A 726 14.67 5.63 26.28
C VAL A 726 13.92 4.68 27.15
N ALA A 727 12.62 4.49 26.97
CA ALA A 727 11.90 3.47 27.75
C ALA A 727 12.42 2.02 27.63
N TRP A 728 13.07 1.67 26.53
CA TRP A 728 13.52 0.28 26.29
C TRP A 728 14.85 0.07 27.04
N GLN A 729 14.81 -0.75 28.05
CA GLN A 729 16.07 -1.14 28.80
C GLN A 729 16.90 -2.15 28.03
N THR A 730 16.23 -2.99 27.28
CA THR A 730 16.84 -3.96 26.34
C THR A 730 15.98 -4.11 25.05
N ALA A 731 16.63 -4.49 23.98
CA ALA A 731 15.98 -4.84 22.69
C ALA A 731 16.90 -5.71 21.92
N GLU A 732 16.36 -6.42 20.94
CA GLU A 732 17.20 -7.17 20.00
C GLU A 732 16.71 -6.92 18.58
N ALA A 733 17.59 -7.08 17.62
CA ALA A 733 17.22 -7.05 16.21
C ALA A 733 18.11 -8.08 15.51
N VAL A 734 17.57 -8.75 14.50
CA VAL A 734 18.36 -9.51 13.60
C VAL A 734 18.35 -8.81 12.26
N ARG A 735 19.49 -8.39 11.77
CA ARG A 735 19.66 -7.62 10.53
C ARG A 735 20.38 -8.42 9.48
N GLU A 736 19.78 -8.60 8.30
CA GLU A 736 20.44 -9.22 7.18
C GLU A 736 21.02 -8.04 6.36
N PHE A 737 22.29 -8.12 6.01
CA PHE A 737 22.97 -7.04 5.36
C PHE A 737 24.12 -7.57 4.54
N ARG A 738 24.16 -7.21 3.23
CA ARG A 738 25.16 -7.61 2.30
C ARG A 738 25.51 -9.10 2.37
N GLY A 739 24.51 -9.92 2.49
CA GLY A 739 24.68 -11.34 2.52
C GLY A 739 25.01 -12.00 3.88
N ALA A 740 25.21 -11.22 4.92
CA ALA A 740 25.53 -11.70 6.25
C ALA A 740 24.38 -11.45 7.18
N THR A 741 24.43 -11.99 8.37
CA THR A 741 23.45 -11.78 9.38
C THR A 741 24.07 -11.22 10.64
N PHE A 742 23.43 -10.21 11.23
CA PHE A 742 23.87 -9.58 12.52
C PHE A 742 22.82 -9.72 13.59
N ASN A 743 23.15 -10.51 14.62
CA ASN A 743 22.28 -10.71 15.77
C ASN A 743 22.63 -9.65 16.77
N VAL A 744 21.83 -8.60 16.86
CA VAL A 744 22.22 -7.43 17.61
C VAL A 744 21.44 -7.43 18.91
N SER A 745 22.13 -7.16 20.04
CA SER A 745 21.52 -7.05 21.35
C SER A 745 21.84 -5.66 21.85
N TYR A 746 20.83 -4.91 22.27
CA TYR A 746 21.02 -3.59 22.80
C TYR A 746 20.68 -3.66 24.30
N ARG A 747 21.49 -2.92 25.07
CA ARG A 747 21.30 -2.89 26.51
C ARG A 747 21.79 -1.54 27.07
N LYS A 748 21.04 -1.05 28.05
CA LYS A 748 21.37 0.25 28.69
C LYS A 748 22.31 -0.08 29.88
N SER A 749 23.42 0.63 29.98
CA SER A 749 24.35 0.42 31.09
C SER A 749 24.51 1.73 31.87
N SER A 750 24.50 1.54 33.19
CA SER A 750 24.77 2.57 34.17
C SER A 750 26.24 3.03 34.10
N ASP A 751 27.14 2.08 33.81
CA ASP A 751 28.59 2.24 33.97
C ASP A 751 29.37 2.83 32.79
N ILE A 752 28.71 3.37 31.76
CA ILE A 752 29.45 3.98 30.65
C ILE A 752 28.95 5.37 30.31
N LYS A 753 29.82 6.12 29.69
CA LYS A 753 29.50 7.47 29.26
C LYS A 753 29.07 7.51 27.79
N GLU A 754 29.69 6.70 26.93
CA GLU A 754 29.47 6.68 25.46
C GLU A 754 29.02 5.27 25.04
N MET A 755 28.41 5.13 23.87
CA MET A 755 28.04 3.78 23.42
C MET A 755 29.25 2.91 23.31
N GLU A 756 29.10 1.68 23.71
CA GLU A 756 30.11 0.68 23.48
C GLU A 756 29.53 -0.48 22.62
N ILE A 757 30.29 -0.87 21.60
CA ILE A 757 29.96 -1.95 20.68
C ILE A 757 30.93 -3.08 20.80
N GLN A 758 30.42 -4.28 20.96
CA GLN A 758 31.26 -5.45 20.92
C GLN A 758 30.85 -6.33 19.76
N LEU A 759 31.81 -6.84 19.06
CA LEU A 759 31.60 -7.78 18.01
C LEU A 759 32.14 -9.11 18.42
N ASN A 760 31.30 -10.14 18.43
CA ASN A 760 31.70 -11.52 18.87
C ASN A 760 32.48 -11.40 20.21
N GLU A 761 31.91 -10.62 21.11
CA GLU A 761 32.38 -10.41 22.47
C GLU A 761 33.64 -9.57 22.72
N SER A 762 34.34 -9.11 21.70
CA SER A 762 35.39 -8.11 21.91
C SER A 762 34.99 -6.70 21.45
N VAL A 763 35.46 -5.71 22.20
CA VAL A 763 35.13 -4.30 22.00
C VAL A 763 35.73 -3.85 20.68
N ILE A 764 34.99 -3.10 19.86
CA ILE A 764 35.56 -2.49 18.67
C ILE A 764 35.81 -1.00 18.95
N SER A 765 36.69 -0.39 18.17
CA SER A 765 36.74 1.06 18.17
C SER A 765 35.99 1.60 16.95
N GLY A 766 35.34 2.70 17.17
CA GLY A 766 34.52 3.33 16.12
C GLY A 766 33.15 2.67 16.09
N ASN A 767 32.38 2.95 15.04
CA ASN A 767 30.99 2.46 15.05
C ASN A 767 30.61 1.63 13.82
N THR A 768 31.61 1.18 13.07
CA THR A 768 31.43 0.49 11.81
C THR A 768 31.94 -0.91 11.90
N ILE A 769 31.13 -1.89 11.51
CA ILE A 769 31.57 -3.22 11.32
C ILE A 769 32.02 -3.33 9.91
N SER A 770 33.31 -3.55 9.68
CA SER A 770 33.86 -3.48 8.32
C SER A 770 34.24 -4.78 7.66
N ASP A 771 34.30 -5.86 8.40
CA ASP A 771 34.74 -7.15 7.84
C ASP A 771 33.49 -8.01 7.81
N ILE A 772 32.86 -8.09 6.65
CA ILE A 772 31.63 -8.76 6.49
C ILE A 772 31.71 -9.78 5.43
N THR A 773 31.52 -11.03 5.81
CA THR A 773 31.62 -12.12 4.91
C THR A 773 30.24 -12.69 4.61
N ALA A 774 29.97 -12.88 3.32
CA ALA A 774 28.66 -13.41 2.92
C ALA A 774 28.43 -14.80 3.52
N GLY A 775 27.22 -15.08 4.03
CA GLY A 775 26.86 -16.30 4.73
C GLY A 775 27.19 -16.42 6.21
N ALA A 776 27.98 -15.51 6.75
CA ALA A 776 28.39 -15.52 8.14
C ALA A 776 27.35 -14.87 9.04
N THR A 777 27.34 -15.29 10.31
CA THR A 777 26.55 -14.65 11.30
C THR A 777 27.46 -14.00 12.34
N TYR A 778 27.16 -12.75 12.67
CA TYR A 778 27.92 -11.98 13.68
C TYR A 778 27.06 -11.65 14.93
N GLN A 779 27.64 -11.73 16.15
CA GLN A 779 26.94 -11.32 17.36
C GLN A 779 27.38 -9.93 17.66
N LEU A 780 26.47 -9.00 17.75
CA LEU A 780 26.76 -7.59 18.10
C LEU A 780 26.13 -7.27 19.40
N THR A 781 26.88 -6.70 20.35
CA THR A 781 26.31 -6.16 21.57
C THR A 781 26.50 -4.70 21.60
N VAL A 782 25.42 -4.00 21.81
CA VAL A 782 25.48 -2.52 21.79
C VAL A 782 25.03 -2.08 23.15
N LEU A 783 25.97 -1.51 23.92
CA LEU A 783 25.65 -0.96 25.25
C LEU A 783 25.54 0.52 25.08
N LEU A 784 24.50 1.06 25.67
CA LEU A 784 24.13 2.45 25.51
C LEU A 784 24.10 3.18 26.87
N PRO A 785 24.48 4.45 26.87
CA PRO A 785 24.35 5.21 28.13
C PRO A 785 22.91 5.39 28.63
C1 GCO B . -6.50 13.07 -6.74
C2 GCO B . -6.19 11.69 -6.32
C3 GCO B . -4.69 11.43 -6.62
C4 GCO B . -4.57 9.90 -6.58
C5 GCO B . -3.19 9.38 -7.05
C6 GCO B . -3.04 7.86 -6.73
O1A GCO B . -7.10 13.81 -5.93
O1B GCO B . -6.13 13.44 -7.84
O2 GCO B . -6.31 11.59 -4.89
O3 GCO B . -3.74 12.13 -5.70
O4 GCO B . -4.92 9.40 -5.25
O5 GCO B . -3.03 9.58 -8.50
O6 GCO B . -4.09 7.17 -7.44
C1 GOL C . -2.75 6.02 -13.22
O1 GOL C . -2.65 4.90 -14.09
C2 GOL C . -1.45 6.76 -12.95
O2 GOL C . -0.54 5.88 -12.23
C3 GOL C . -1.73 8.00 -12.12
O3 GOL C . -2.19 7.56 -10.87
C1 GOL D . -12.95 -5.76 18.24
O1 GOL D . -13.66 -6.98 18.47
C2 GOL D . -12.08 -5.33 19.44
O2 GOL D . -11.70 -6.42 20.17
C3 GOL D . -10.85 -4.51 19.01
O3 GOL D . -9.77 -4.56 19.99
C1 LGC E . -0.95 10.30 -3.88
C2 LGC E . 0.14 9.98 -4.90
O5 LGC E . -0.83 11.37 -3.00
O1 LGC E . -2.03 9.68 -3.85
O2 LGC E . 0.22 8.53 -5.02
C3 LGC E . 1.55 10.47 -4.42
O3 LGC E . 2.48 10.38 -5.52
C4 LGC E . 1.38 11.93 -3.92
O4 LGC E . 2.66 12.48 -3.55
C5 LGC E . 0.45 11.98 -2.73
C6 LGC E . 0.07 13.35 -2.17
O6 LGC E . -0.64 14.08 -3.20
S SO4 F . 1.01 8.10 -1.06
O1 SO4 F . 1.85 9.30 -0.86
O2 SO4 F . -0.06 8.68 -1.78
O3 SO4 F . 1.64 7.11 -1.94
O4 SO4 F . 0.59 7.62 0.21
S SO4 G . -11.89 -20.23 15.93
O1 SO4 G . -12.76 -19.58 16.90
O2 SO4 G . -11.50 -19.23 14.89
O3 SO4 G . -10.57 -20.54 16.59
O4 SO4 G . -12.37 -21.49 15.27
CL CL H . 2.24 19.40 1.09
#